data_4JL9
#
_entry.id   4JL9
#
_cell.length_a   140.782
_cell.length_b   140.782
_cell.length_c   86.570
_cell.angle_alpha   90.00
_cell.angle_beta   90.00
_cell.angle_gamma   120.00
#
_symmetry.space_group_name_H-M   'P 32 2 1'
#
loop_
_entity.id
_entity.type
_entity.pdbx_description
1 polymer 'Serine/threonine-protein kinase TBK1'
2 non-polymer N-(3-{[5-iodo-4-({3-[(thiophen-2-ylcarbonyl)amino]propyl}amino)pyrimidin-2-yl]amino}phenyl)pyrrolidine-1-carboxamide
#
_entity_poly.entity_id   1
_entity_poly.type   'polypeptide(L)'
_entity_poly.pdbx_seq_one_letter_code
;ICQSTSNHLWLLSDILGQGATANVFRGRHKKTGDLYAVKVFNNISFLRPVDVQMREFEVLKKLNHKNIVKLFAIEEETTT
RHKVLIMEFCPCGSLYTVLEEPSNAYGLPESEFLIVLRDVVGGMNHLRENGIVHRDIKPGNIMRVIGEDGQSVYKLTDFG
AARELEDDEQFVSLYGTEEYLHPDMYERAVLRKDHQKKYGATVDLWSVGVTFYHAATGSLPFRPFEGPRRNKEVMYKIIT
GKPSGAISGVQKAENGPIDWSGDMPLSCSLSQGLQALLTPVLANILEADQEKCWGFDQFFAETSDVLHRMVIHVFSLQHM
TAHKIYIHSYNTAAVFHELVYKQTKIVSSNQELIYEGRRLVLELGRLAQHFPKTTEENPIFVTSREQLNTVGLRYEKISL
PKIHPRYDLDGDASMAKAVTGVVCYACRTASTLLLYQELMRKGVRWLVELVKDDYNETVHKKTEVVITLDFCIRNIEKTV
KVYEKLMKVNLEAAELGEISDIHTKLLRLSSSQGTIESSLQDISSRLSPGGLLADTWAHQEGTHPRDRNVEKLQVLLNCI
TEIYYQFKKDKAERRLAYNEEQIHKFDKQKLYYHATKAMSHFSEECVRKYEAFKDKSEEWMRKMLHLRKQLLSLTNQCFD
IEEEVSKYQDYTNELQE
;
_entity_poly.pdbx_strand_id   A
#
loop_
_chem_comp.id
_chem_comp.type
_chem_comp.name
_chem_comp.formula
BX7 non-polymer N-(3-{[5-iodo-4-({3-[(thiophen-2-ylcarbonyl)amino]propyl}amino)pyrimidin-2-yl]amino}phenyl)pyrrolidine-1-carboxamide 'C23 H26 I N7 O2 S'
#
# COMPACT_ATOMS: atom_id res chain seq x y z
N ILE A 1 -1.77 35.36 -32.16
CA ILE A 1 -0.73 36.01 -31.38
C ILE A 1 0.31 34.98 -30.95
N CYS A 2 1.51 35.08 -31.51
CA CYS A 2 2.56 34.10 -31.23
C CYS A 2 3.94 34.73 -31.12
N GLN A 3 4.79 34.10 -30.32
CA GLN A 3 6.20 34.46 -30.24
C GLN A 3 7.03 33.34 -30.86
N SER A 4 8.29 33.63 -31.18
CA SER A 4 9.14 32.65 -31.84
C SER A 4 10.63 32.94 -31.67
N THR A 5 11.44 31.94 -31.97
CA THR A 5 12.88 32.09 -32.07
C THR A 5 13.30 31.69 -33.47
N SER A 6 14.58 31.37 -33.64
CA SER A 6 15.06 30.90 -34.93
C SER A 6 14.75 29.42 -35.12
N ASN A 7 14.52 28.72 -34.02
CA ASN A 7 14.24 27.29 -34.05
C ASN A 7 12.86 26.91 -33.54
N HIS A 8 12.30 27.73 -32.66
CA HIS A 8 11.04 27.38 -32.00
C HIS A 8 9.94 28.44 -32.17
N LEU A 9 8.69 28.01 -31.96
CA LEU A 9 7.54 28.89 -32.10
C LEU A 9 6.44 28.50 -31.12
N TRP A 10 5.85 29.47 -30.44
CA TRP A 10 4.82 29.18 -29.45
C TRP A 10 3.71 30.23 -29.37
N LEU A 11 2.53 29.81 -28.93
CA LEU A 11 1.40 30.70 -28.77
C LEU A 11 1.32 31.21 -27.33
N LEU A 12 0.80 32.42 -27.15
CA LEU A 12 0.62 32.97 -25.81
C LEU A 12 -0.57 32.32 -25.13
N SER A 13 -1.51 31.83 -25.92
CA SER A 13 -2.70 31.17 -25.38
C SER A 13 -2.35 29.85 -24.74
N ASP A 14 -1.29 29.21 -25.24
CA ASP A 14 -0.89 27.89 -24.76
C ASP A 14 0.08 27.98 -23.60
N ILE A 15 -0.41 28.44 -22.45
CA ILE A 15 0.40 28.49 -21.24
C ILE A 15 0.40 27.15 -20.52
N LEU A 16 1.46 26.90 -19.75
CA LEU A 16 1.59 25.68 -18.97
C LEU A 16 1.94 26.04 -17.53
N GLY A 17 2.86 26.98 -17.37
CA GLY A 17 3.27 27.42 -16.05
C GLY A 17 3.28 28.93 -15.95
N GLN A 18 2.98 29.43 -14.76
CA GLN A 18 2.88 30.87 -14.55
C GLN A 18 3.64 31.31 -13.29
N GLY A 19 4.59 32.22 -13.47
CA GLY A 19 5.34 32.76 -12.36
C GLY A 19 5.75 34.20 -12.62
N ALA A 20 5.73 35.02 -11.57
CA ALA A 20 6.08 36.43 -11.69
C ALA A 20 7.59 36.64 -11.86
N THR A 21 8.16 35.93 -12.82
CA THR A 21 9.59 36.03 -13.11
C THR A 21 9.88 35.44 -14.49
N ALA A 22 9.02 34.52 -14.91
CA ALA A 22 9.14 33.87 -16.21
C ALA A 22 7.88 33.05 -16.48
N ASN A 23 7.62 32.76 -17.74
CA ASN A 23 6.45 31.97 -18.12
C ASN A 23 6.85 30.72 -18.90
N VAL A 24 6.04 29.66 -18.79
CA VAL A 24 6.27 28.45 -19.55
C VAL A 24 5.14 28.26 -20.57
N PHE A 25 5.50 28.13 -21.84
CA PHE A 25 4.51 27.89 -22.88
C PHE A 25 4.83 26.57 -23.58
N ARG A 26 3.82 25.94 -24.18
CA ARG A 26 4.07 24.79 -25.03
C ARG A 26 4.23 25.23 -26.48
N GLY A 27 5.41 25.00 -27.03
CA GLY A 27 5.72 25.40 -28.39
C GLY A 27 6.28 24.25 -29.20
N ARG A 28 6.64 24.52 -30.44
CA ARG A 28 7.18 23.49 -31.31
C ARG A 28 8.49 23.91 -31.96
N HIS A 29 9.29 22.91 -32.32
CA HIS A 29 10.45 23.10 -33.17
C HIS A 29 9.91 23.16 -34.60
N LYS A 30 10.07 24.29 -35.26
CA LYS A 30 9.45 24.48 -36.57
C LYS A 30 10.12 23.70 -37.70
N LYS A 31 11.22 23.02 -37.40
CA LYS A 31 11.87 22.16 -38.38
C LYS A 31 11.29 20.75 -38.33
N THR A 32 10.79 20.35 -37.16
CA THR A 32 10.31 18.99 -36.95
C THR A 32 8.86 18.93 -36.48
N GLY A 33 8.41 19.98 -35.80
CA GLY A 33 7.06 20.01 -35.26
C GLY A 33 6.99 19.38 -33.89
N ASP A 34 8.15 19.07 -33.32
CA ASP A 34 8.22 18.41 -32.02
C ASP A 34 7.82 19.35 -30.88
N LEU A 35 7.08 18.83 -29.92
CA LEU A 35 6.63 19.61 -28.78
C LEU A 35 7.73 19.83 -27.75
N TYR A 36 7.91 21.08 -27.34
CA TYR A 36 8.85 21.42 -26.28
C TYR A 36 8.24 22.48 -25.38
N ALA A 37 8.66 22.48 -24.12
CA ALA A 37 8.27 23.53 -23.19
C ALA A 37 9.29 24.65 -23.23
N VAL A 38 8.83 25.88 -23.44
CA VAL A 38 9.72 27.03 -23.51
C VAL A 38 9.52 27.96 -22.31
N LYS A 39 10.62 28.33 -21.66
CA LYS A 39 10.56 29.25 -20.54
C LYS A 39 11.04 30.64 -20.92
N VAL A 40 10.08 31.47 -21.29
CA VAL A 40 10.35 32.86 -21.64
C VAL A 40 10.44 33.71 -20.39
N PHE A 41 11.63 34.21 -20.09
CA PHE A 41 11.84 35.03 -18.90
C PHE A 41 11.09 36.35 -19.00
N ASN A 42 10.38 36.69 -17.93
CA ASN A 42 9.55 37.90 -17.89
C ASN A 42 10.39 39.17 -17.89
N ASN A 43 11.21 39.35 -18.92
CA ASN A 43 12.12 40.48 -19.05
C ASN A 43 13.01 40.66 -17.82
N ILE A 44 13.29 41.93 -17.48
CA ILE A 44 14.08 42.28 -16.30
C ILE A 44 15.51 41.72 -16.31
N SER A 45 15.61 40.39 -16.40
CA SER A 45 16.89 39.70 -16.27
C SER A 45 17.84 39.90 -17.45
N PHE A 46 18.10 41.15 -17.82
CA PHE A 46 19.00 41.40 -18.94
C PHE A 46 19.93 42.61 -18.82
N LEU A 47 20.48 43.01 -19.97
CA LEU A 47 21.66 43.87 -20.02
C LEU A 47 22.79 43.18 -19.26
N ARG A 48 22.82 41.86 -19.39
CA ARG A 48 23.77 41.00 -18.69
C ARG A 48 24.51 40.14 -19.71
N PRO A 49 25.84 40.03 -19.56
CA PRO A 49 26.75 39.32 -20.47
C PRO A 49 26.28 37.93 -20.93
N VAL A 50 26.84 37.48 -22.05
CA VAL A 50 26.44 36.22 -22.66
C VAL A 50 27.37 35.06 -22.29
N ASP A 51 28.31 35.33 -21.40
CA ASP A 51 29.21 34.28 -20.92
C ASP A 51 28.67 33.61 -19.66
N VAL A 52 27.92 34.38 -18.88
CA VAL A 52 27.14 33.81 -17.79
C VAL A 52 26.12 32.88 -18.42
N GLN A 53 25.59 33.29 -19.58
CA GLN A 53 24.68 32.48 -20.37
C GLN A 53 25.30 31.13 -20.69
N MET A 54 26.48 31.14 -21.30
CA MET A 54 27.14 29.91 -21.74
C MET A 54 27.64 29.04 -20.60
N ARG A 55 28.10 29.66 -19.51
CA ARG A 55 28.58 28.89 -18.37
C ARG A 55 27.42 28.21 -17.64
N GLU A 56 26.33 28.95 -17.45
CA GLU A 56 25.14 28.42 -16.80
C GLU A 56 24.48 27.38 -17.71
N PHE A 57 24.68 27.56 -19.01
CA PHE A 57 24.20 26.62 -20.01
C PHE A 57 24.97 25.31 -19.91
N GLU A 58 26.28 25.42 -19.74
CA GLU A 58 27.13 24.24 -19.61
C GLU A 58 26.88 23.50 -18.30
N VAL A 59 26.63 24.24 -17.22
CA VAL A 59 26.38 23.60 -15.94
C VAL A 59 24.94 23.07 -15.80
N LEU A 60 24.02 23.61 -16.59
CA LEU A 60 22.65 23.13 -16.58
C LEU A 60 22.43 21.98 -17.55
N LYS A 61 23.24 21.93 -18.60
CA LYS A 61 23.19 20.80 -19.54
C LYS A 61 23.96 19.61 -18.99
N LYS A 62 24.84 19.87 -18.04
CA LYS A 62 25.51 18.80 -17.30
C LYS A 62 24.47 18.03 -16.51
N LEU A 63 23.36 18.69 -16.21
CA LEU A 63 22.24 18.07 -15.51
C LEU A 63 21.38 17.25 -16.48
N ASN A 64 22.03 16.45 -17.31
CA ASN A 64 21.32 15.54 -18.20
C ASN A 64 21.13 14.19 -17.53
N HIS A 65 19.96 13.99 -16.94
CA HIS A 65 19.69 12.79 -16.16
C HIS A 65 18.19 12.53 -16.09
N LYS A 66 17.82 11.27 -15.92
CA LYS A 66 16.44 10.91 -15.63
C LYS A 66 16.04 11.56 -14.32
N ASN A 67 14.73 11.68 -14.09
CA ASN A 67 14.19 12.38 -12.93
C ASN A 67 14.53 13.87 -12.92
N ILE A 68 15.01 14.36 -14.06
CA ILE A 68 15.29 15.77 -14.27
C ILE A 68 14.89 16.14 -15.69
N VAL A 69 14.03 17.15 -15.82
CA VAL A 69 13.61 17.61 -17.13
C VAL A 69 14.82 18.07 -17.94
N LYS A 70 14.95 17.53 -19.15
CA LYS A 70 16.09 17.83 -20.00
C LYS A 70 16.08 19.26 -20.50
N LEU A 71 17.25 19.90 -20.44
CA LEU A 71 17.41 21.23 -21.01
C LEU A 71 17.97 21.10 -22.43
N PHE A 72 17.24 21.65 -23.39
CA PHE A 72 17.63 21.54 -24.78
C PHE A 72 18.41 22.75 -25.29
N ALA A 73 17.99 23.95 -24.91
CA ALA A 73 18.66 25.15 -25.41
C ALA A 73 18.39 26.43 -24.61
N ILE A 74 19.18 27.46 -24.93
CA ILE A 74 18.94 28.82 -24.47
C ILE A 74 18.94 29.71 -25.70
N GLU A 75 17.79 30.28 -26.03
CA GLU A 75 17.68 31.03 -27.28
C GLU A 75 17.13 32.44 -27.10
N GLU A 76 17.29 33.28 -28.11
CA GLU A 76 16.75 34.63 -28.07
C GLU A 76 15.41 34.68 -28.77
N GLU A 77 14.49 35.50 -28.24
CA GLU A 77 13.23 35.73 -28.89
C GLU A 77 13.49 36.58 -30.14
N THR A 78 12.69 36.37 -31.18
CA THR A 78 12.92 37.03 -32.46
C THR A 78 12.89 38.55 -32.37
N THR A 79 11.78 39.11 -31.87
CA THR A 79 11.62 40.56 -31.81
C THR A 79 12.00 41.15 -30.46
N THR A 80 11.55 40.50 -29.38
CA THR A 80 11.75 41.04 -28.04
C THR A 80 13.10 40.70 -27.44
N ARG A 81 13.88 39.89 -28.17
CA ARG A 81 15.28 39.60 -27.81
C ARG A 81 15.48 38.79 -26.51
N HIS A 82 14.63 39.02 -25.52
CA HIS A 82 14.79 38.38 -24.21
C HIS A 82 14.86 36.85 -24.29
N LYS A 83 15.58 36.26 -23.35
CA LYS A 83 15.95 34.84 -23.43
C LYS A 83 14.83 33.87 -23.09
N VAL A 84 14.82 32.75 -23.80
CA VAL A 84 13.89 31.66 -23.55
C VAL A 84 14.67 30.36 -23.35
N LEU A 85 14.10 29.45 -22.57
CA LEU A 85 14.74 28.17 -22.30
C LEU A 85 13.99 27.01 -22.95
N ILE A 86 14.65 26.34 -23.89
CA ILE A 86 14.06 25.17 -24.55
C ILE A 86 14.29 23.93 -23.71
N MET A 87 13.21 23.35 -23.19
CA MET A 87 13.30 22.17 -22.34
C MET A 87 12.21 21.14 -22.63
N GLU A 88 12.39 19.94 -22.07
CA GLU A 88 11.50 18.80 -22.31
C GLU A 88 10.05 19.09 -21.94
N PHE A 89 9.13 18.79 -22.86
CA PHE A 89 7.72 18.96 -22.59
C PHE A 89 7.13 17.72 -21.91
N CYS A 90 6.53 17.93 -20.75
CA CYS A 90 5.87 16.86 -20.02
C CYS A 90 4.36 17.02 -20.15
N PRO A 91 3.75 16.29 -21.09
CA PRO A 91 2.33 16.44 -21.43
C PRO A 91 1.38 16.07 -20.30
N CYS A 92 1.71 15.05 -19.53
CA CYS A 92 0.83 14.56 -18.47
C CYS A 92 0.66 15.56 -17.32
N GLY A 93 1.55 16.52 -17.22
CA GLY A 93 1.48 17.51 -16.16
C GLY A 93 2.45 17.21 -15.03
N SER A 94 2.15 17.71 -13.84
CA SER A 94 3.03 17.53 -12.70
C SER A 94 2.39 16.64 -11.62
N LEU A 95 3.09 16.51 -10.50
CA LEU A 95 2.59 15.74 -9.37
C LEU A 95 1.33 16.40 -8.79
N TYR A 96 1.31 17.73 -8.81
CA TYR A 96 0.16 18.50 -8.36
C TYR A 96 -1.07 18.17 -9.20
N THR A 97 -0.86 18.00 -10.50
CA THR A 97 -1.93 17.67 -11.43
C THR A 97 -2.51 16.31 -11.10
N VAL A 98 -1.63 15.38 -10.72
CA VAL A 98 -2.03 14.02 -10.36
C VAL A 98 -2.82 14.00 -9.06
N LEU A 99 -2.30 14.70 -8.06
CA LEU A 99 -2.94 14.75 -6.75
C LEU A 99 -4.29 15.47 -6.79
N GLU A 100 -4.53 16.24 -7.84
CA GLU A 100 -5.76 16.99 -7.97
C GLU A 100 -6.88 16.09 -8.50
N GLU A 101 -6.52 14.91 -8.98
CA GLU A 101 -7.51 13.91 -9.38
C GLU A 101 -8.22 13.40 -8.14
N PRO A 102 -9.56 13.32 -8.19
CA PRO A 102 -10.37 12.82 -7.07
C PRO A 102 -10.05 11.38 -6.70
N SER A 103 -9.52 10.61 -7.65
CA SER A 103 -9.15 9.22 -7.37
C SER A 103 -7.96 9.19 -6.42
N ASN A 104 -7.20 10.28 -6.42
CA ASN A 104 -6.05 10.41 -5.52
C ASN A 104 -6.30 11.47 -4.47
N ALA A 105 -7.55 11.63 -4.08
CA ALA A 105 -7.93 12.62 -3.07
C ALA A 105 -7.42 12.22 -1.69
N TYR A 106 -7.27 10.91 -1.49
CA TYR A 106 -6.82 10.40 -0.20
C TYR A 106 -5.48 9.69 -0.30
N GLY A 107 -4.62 10.21 -1.17
CA GLY A 107 -3.29 9.65 -1.35
C GLY A 107 -3.17 8.86 -2.62
N LEU A 108 -1.95 8.75 -3.14
CA LEU A 108 -1.68 8.00 -4.35
C LEU A 108 -1.77 6.49 -4.08
N PRO A 109 -2.03 5.70 -5.13
CA PRO A 109 -1.91 4.25 -5.01
C PRO A 109 -0.47 3.89 -4.63
N GLU A 110 -0.28 2.75 -3.97
CA GLU A 110 1.00 2.40 -3.37
C GLU A 110 2.16 2.32 -4.38
N SER A 111 1.95 1.62 -5.49
CA SER A 111 2.96 1.49 -6.53
C SER A 111 3.39 2.86 -7.05
N GLU A 112 2.41 3.72 -7.30
CA GLU A 112 2.66 5.06 -7.81
C GLU A 112 3.44 5.88 -6.78
N PHE A 113 3.14 5.69 -5.50
CA PHE A 113 3.84 6.39 -4.44
C PHE A 113 5.30 5.94 -4.36
N LEU A 114 5.52 4.64 -4.55
CA LEU A 114 6.87 4.11 -4.60
C LEU A 114 7.64 4.72 -5.77
N ILE A 115 6.95 4.85 -6.90
CA ILE A 115 7.53 5.49 -8.08
C ILE A 115 7.93 6.93 -7.77
N VAL A 116 7.01 7.70 -7.19
CA VAL A 116 7.26 9.08 -6.80
C VAL A 116 8.47 9.19 -5.88
N LEU A 117 8.49 8.37 -4.84
CA LEU A 117 9.60 8.36 -3.88
C LEU A 117 10.92 8.12 -4.59
N ARG A 118 10.98 7.01 -5.33
CA ARG A 118 12.18 6.65 -6.09
C ARG A 118 12.70 7.78 -6.97
N ASP A 119 11.83 8.31 -7.81
CA ASP A 119 12.21 9.33 -8.78
C ASP A 119 12.63 10.65 -8.14
N VAL A 120 11.86 11.10 -7.15
CA VAL A 120 12.18 12.34 -6.44
C VAL A 120 13.52 12.23 -5.72
N VAL A 121 13.71 11.15 -4.97
CA VAL A 121 14.96 10.93 -4.24
C VAL A 121 16.14 10.82 -5.20
N GLY A 122 15.93 10.17 -6.34
CA GLY A 122 16.95 10.07 -7.37
C GLY A 122 17.35 11.44 -7.91
N GLY A 123 16.34 12.26 -8.20
CA GLY A 123 16.56 13.61 -8.67
C GLY A 123 17.34 14.44 -7.67
N MET A 124 16.96 14.37 -6.40
CA MET A 124 17.68 15.06 -5.34
C MET A 124 19.13 14.60 -5.26
N ASN A 125 19.33 13.29 -5.36
CA ASN A 125 20.66 12.70 -5.33
C ASN A 125 21.55 13.25 -6.44
N HIS A 126 21.04 13.22 -7.68
CA HIS A 126 21.81 13.70 -8.81
C HIS A 126 22.03 15.21 -8.73
N LEU A 127 21.11 15.92 -8.09
CA LEU A 127 21.23 17.36 -7.94
C LEU A 127 22.30 17.75 -6.93
N ARG A 128 22.31 17.09 -5.78
CA ARG A 128 23.26 17.41 -4.71
C ARG A 128 24.69 17.08 -5.12
N GLU A 129 24.86 15.95 -5.81
CA GLU A 129 26.17 15.52 -6.28
C GLU A 129 26.73 16.43 -7.36
N ASN A 130 25.89 17.29 -7.91
CA ASN A 130 26.32 18.23 -8.95
C ASN A 130 26.36 19.68 -8.49
N GLY A 131 26.43 19.88 -7.18
CA GLY A 131 26.60 21.20 -6.61
C GLY A 131 25.32 21.97 -6.32
N ILE A 132 24.23 21.57 -6.97
CA ILE A 132 22.96 22.27 -6.80
C ILE A 132 22.17 21.74 -5.61
N VAL A 133 21.85 22.62 -4.68
CA VAL A 133 20.98 22.28 -3.57
C VAL A 133 19.61 22.91 -3.79
N HIS A 134 18.60 22.07 -4.01
CA HIS A 134 17.24 22.55 -4.21
C HIS A 134 16.74 23.17 -2.91
N ARG A 135 15.89 24.18 -3.03
CA ARG A 135 15.31 24.84 -1.86
C ARG A 135 13.82 24.54 -1.77
N ASP A 136 13.11 24.73 -2.88
CA ASP A 136 11.68 24.48 -2.92
C ASP A 136 11.32 23.27 -3.78
N ILE A 137 11.04 22.16 -3.11
CA ILE A 137 10.52 20.98 -3.78
C ILE A 137 9.05 20.78 -3.41
N LYS A 138 8.17 20.89 -4.41
CA LYS A 138 6.74 20.76 -4.19
C LYS A 138 6.11 20.06 -5.39
N PRO A 139 4.92 19.48 -5.23
CA PRO A 139 4.20 18.84 -6.33
C PRO A 139 4.04 19.73 -7.57
N GLY A 140 4.09 21.05 -7.36
CA GLY A 140 3.97 21.99 -8.45
C GLY A 140 5.08 21.90 -9.47
N ASN A 141 6.28 21.53 -9.03
CA ASN A 141 7.42 21.41 -9.93
C ASN A 141 7.96 19.99 -10.06
N ILE A 142 7.15 19.00 -9.71
CA ILE A 142 7.51 17.60 -9.92
C ILE A 142 6.73 17.08 -11.13
N MET A 143 7.33 17.23 -12.31
CA MET A 143 6.69 16.88 -13.57
C MET A 143 6.54 15.37 -13.75
N ARG A 144 5.63 14.99 -14.64
CA ARG A 144 5.32 13.57 -14.87
C ARG A 144 5.42 13.22 -16.35
N VAL A 145 6.07 12.09 -16.65
CA VAL A 145 6.20 11.62 -18.02
C VAL A 145 5.90 10.12 -18.08
N ILE A 146 5.08 9.69 -19.03
CA ILE A 146 4.81 8.26 -19.20
C ILE A 146 5.94 7.59 -19.97
N GLY A 147 6.58 6.61 -19.34
CA GLY A 147 7.67 5.89 -19.96
C GLY A 147 7.21 4.95 -21.06
N GLU A 148 8.17 4.36 -21.77
CA GLU A 148 7.86 3.44 -22.87
C GLU A 148 7.17 2.19 -22.36
N ASP A 149 7.46 1.83 -21.11
CA ASP A 149 6.90 0.62 -20.52
C ASP A 149 5.50 0.83 -19.94
N GLY A 150 5.07 2.09 -19.87
CA GLY A 150 3.73 2.41 -19.44
C GLY A 150 3.62 3.09 -18.10
N GLN A 151 4.54 2.80 -17.19
CA GLN A 151 4.51 3.38 -15.85
C GLN A 151 5.22 4.73 -15.82
N SER A 152 4.72 5.63 -14.97
CA SER A 152 5.18 7.01 -14.94
C SER A 152 6.58 7.21 -14.37
N VAL A 153 7.18 8.34 -14.73
CA VAL A 153 8.51 8.73 -14.30
C VAL A 153 8.46 10.21 -13.95
N TYR A 154 8.90 10.56 -12.75
CA TYR A 154 8.81 11.93 -12.27
C TYR A 154 10.12 12.69 -12.37
N LYS A 155 10.05 13.92 -12.86
CA LYS A 155 11.25 14.73 -13.08
C LYS A 155 11.20 16.04 -12.32
N LEU A 156 12.30 16.41 -11.68
CA LEU A 156 12.38 17.67 -10.96
C LEU A 156 12.69 18.83 -11.90
N THR A 157 12.05 19.97 -11.67
CA THR A 157 12.29 21.17 -12.45
C THR A 157 12.36 22.39 -11.55
N ASP A 158 12.62 23.55 -12.14
CA ASP A 158 12.66 24.82 -11.41
C ASP A 158 13.71 24.77 -10.29
N PHE A 159 14.98 24.70 -10.67
CA PHE A 159 16.06 24.62 -9.70
C PHE A 159 17.24 25.52 -10.06
N GLY A 160 17.45 25.70 -11.36
CA GLY A 160 18.54 26.54 -11.84
C GLY A 160 18.22 28.01 -11.68
N ALA A 161 16.93 28.32 -11.68
CA ALA A 161 16.47 29.70 -11.52
C ALA A 161 16.52 30.13 -10.05
N ALA A 162 17.73 30.15 -9.49
CA ALA A 162 17.94 30.60 -8.13
C ALA A 162 18.19 32.11 -8.10
N ARG A 163 17.52 32.82 -9.00
CA ARG A 163 17.70 34.25 -9.15
C ARG A 163 17.09 35.01 -7.97
N GLU A 164 17.90 35.85 -7.33
CA GLU A 164 17.47 36.60 -6.17
C GLU A 164 16.97 37.98 -6.57
N LEU A 165 15.85 38.02 -7.30
CA LEU A 165 15.24 39.29 -7.66
C LEU A 165 13.95 39.51 -6.89
N GLU A 166 14.08 39.80 -5.61
CA GLU A 166 12.93 40.09 -4.77
C GLU A 166 13.24 41.28 -3.86
N ASP A 167 13.91 41.00 -2.75
CA ASP A 167 14.32 42.03 -1.79
C ASP A 167 13.13 42.85 -1.28
N ASP A 168 12.61 43.73 -2.14
CA ASP A 168 11.45 44.54 -1.80
C ASP A 168 10.67 44.93 -3.05
N GLY A 176 15.83 48.54 -8.29
CA GLY A 176 17.13 49.00 -7.85
C GLY A 176 17.07 49.76 -6.55
N THR A 177 16.74 49.05 -5.48
CA THR A 177 16.60 49.66 -4.16
C THR A 177 17.80 49.34 -3.27
N GLU A 178 18.86 48.81 -3.88
CA GLU A 178 20.08 48.50 -3.13
C GLU A 178 20.68 49.73 -2.48
N GLU A 179 20.85 50.79 -3.26
CA GLU A 179 21.47 52.01 -2.77
C GLU A 179 20.47 52.97 -2.12
N TYR A 180 19.42 52.42 -1.52
CA TYR A 180 18.42 53.25 -0.84
C TYR A 180 17.84 52.56 0.39
N LEU A 181 18.33 51.36 0.69
CA LEU A 181 17.79 50.58 1.81
C LEU A 181 18.49 50.84 3.14
N HIS A 182 17.70 50.81 4.21
CA HIS A 182 18.21 50.95 5.56
C HIS A 182 19.09 49.75 5.89
N PRO A 183 20.18 49.97 6.65
CA PRO A 183 21.12 48.93 7.08
C PRO A 183 20.46 47.68 7.68
N ASP A 184 19.24 47.80 8.21
CA ASP A 184 18.54 46.68 8.81
C ASP A 184 17.91 45.75 7.76
N MET A 185 17.70 46.28 6.56
CA MET A 185 17.26 45.45 5.45
C MET A 185 18.45 44.63 4.97
N TYR A 186 19.62 45.24 5.04
CA TYR A 186 20.88 44.54 4.79
C TYR A 186 21.09 43.48 5.87
N GLU A 187 20.64 43.77 7.09
CA GLU A 187 20.74 42.83 8.19
C GLU A 187 19.75 41.68 7.98
N ARG A 188 18.65 41.97 7.28
CA ARG A 188 17.70 40.95 6.89
C ARG A 188 18.34 40.08 5.81
N ALA A 189 19.16 40.71 4.97
CA ALA A 189 19.91 39.98 3.95
C ALA A 189 20.99 39.12 4.59
N VAL A 190 21.47 39.55 5.75
CA VAL A 190 22.42 38.75 6.52
C VAL A 190 21.70 37.57 7.13
N LEU A 191 20.47 37.81 7.58
CA LEU A 191 19.62 36.74 8.10
C LEU A 191 19.19 35.80 6.96
N ARG A 192 19.37 36.26 5.73
CA ARG A 192 19.09 35.44 4.56
C ARG A 192 20.27 34.53 4.21
N LYS A 193 21.46 35.11 4.15
CA LYS A 193 22.65 34.37 3.72
C LYS A 193 23.22 33.43 4.79
N ASP A 194 22.47 33.23 5.86
CA ASP A 194 22.86 32.27 6.88
C ASP A 194 22.14 30.95 6.65
N HIS A 195 21.49 30.83 5.50
CA HIS A 195 20.78 29.60 5.13
C HIS A 195 21.68 28.70 4.28
N GLN A 196 22.68 29.28 3.64
CA GLN A 196 23.59 28.52 2.80
C GLN A 196 24.61 27.73 3.63
N LYS A 197 24.60 27.97 4.94
CA LYS A 197 25.50 27.29 5.86
C LYS A 197 25.16 25.80 5.96
N LYS A 198 24.18 25.48 6.80
CA LYS A 198 23.67 24.11 6.90
C LYS A 198 22.15 24.09 6.74
N TYR A 199 21.54 25.27 6.77
CA TYR A 199 20.10 25.40 6.59
C TYR A 199 19.70 25.33 5.11
N GLY A 200 20.52 24.67 4.31
CA GLY A 200 20.27 24.59 2.88
C GLY A 200 20.00 23.17 2.40
N ALA A 201 20.89 22.25 2.79
CA ALA A 201 20.75 20.86 2.39
C ALA A 201 19.87 20.07 3.36
N THR A 202 19.15 20.78 4.22
CA THR A 202 18.28 20.15 5.21
C THR A 202 16.85 20.69 5.19
N VAL A 203 16.68 21.89 4.63
CA VAL A 203 15.34 22.45 4.43
C VAL A 203 14.66 21.71 3.28
N ASP A 204 15.47 21.32 2.30
CA ASP A 204 15.05 20.50 1.17
C ASP A 204 14.39 19.24 1.70
N LEU A 205 14.94 18.71 2.78
CA LEU A 205 14.43 17.52 3.44
C LEU A 205 13.05 17.78 4.06
N TRP A 206 12.86 18.97 4.61
CA TRP A 206 11.57 19.36 5.16
C TRP A 206 10.52 19.41 4.05
N SER A 207 10.79 20.22 3.04
CA SER A 207 9.85 20.40 1.92
C SER A 207 9.53 19.06 1.26
N VAL A 208 10.55 18.20 1.15
CA VAL A 208 10.36 16.88 0.58
C VAL A 208 9.51 15.99 1.49
N GLY A 209 9.65 16.17 2.80
CA GLY A 209 8.82 15.45 3.76
C GLY A 209 7.37 15.84 3.61
N VAL A 210 7.12 17.13 3.52
CA VAL A 210 5.77 17.64 3.32
C VAL A 210 5.17 17.13 2.01
N THR A 211 5.97 17.15 0.95
CA THR A 211 5.55 16.63 -0.35
C THR A 211 5.17 15.16 -0.26
N PHE A 212 6.00 14.38 0.43
CA PHE A 212 5.76 12.95 0.59
C PHE A 212 4.50 12.67 1.39
N TYR A 213 4.25 13.46 2.42
CA TYR A 213 3.03 13.30 3.21
C TYR A 213 1.81 13.65 2.36
N HIS A 214 1.93 14.73 1.59
CA HIS A 214 0.84 15.17 0.72
C HIS A 214 0.51 14.11 -0.31
N ALA A 215 1.54 13.45 -0.84
CA ALA A 215 1.36 12.41 -1.84
C ALA A 215 0.83 11.12 -1.22
N ALA A 216 1.16 10.88 0.04
CA ALA A 216 0.77 9.65 0.73
C ALA A 216 -0.66 9.70 1.25
N THR A 217 -1.08 10.86 1.74
CA THR A 217 -2.36 10.97 2.41
C THR A 217 -3.41 11.75 1.63
N GLY A 218 -2.96 12.57 0.69
CA GLY A 218 -3.86 13.40 -0.08
C GLY A 218 -4.21 14.71 0.61
N SER A 219 -3.47 15.02 1.67
CA SER A 219 -3.68 16.25 2.42
C SER A 219 -2.41 16.67 3.16
N LEU A 220 -2.28 17.97 3.40
CA LEU A 220 -1.09 18.52 4.05
C LEU A 220 -0.93 18.02 5.49
N PRO A 221 0.32 17.87 5.95
CA PRO A 221 0.59 17.38 7.31
C PRO A 221 0.15 18.35 8.40
N PHE A 222 0.30 19.65 8.14
CA PHE A 222 -0.04 20.66 9.13
C PHE A 222 -1.13 21.60 8.61
N ARG A 223 -2.34 21.40 9.12
CA ARG A 223 -3.49 22.19 8.70
C ARG A 223 -4.12 22.91 9.89
N PRO A 224 -4.44 24.21 9.72
CA PRO A 224 -5.02 25.01 10.79
C PRO A 224 -6.54 25.12 10.67
N PHE A 225 -7.02 26.36 10.53
CA PHE A 225 -8.44 26.68 10.47
C PHE A 225 -9.09 26.06 9.24
N GLU A 226 -9.19 26.86 8.18
CA GLU A 226 -9.76 26.41 6.92
C GLU A 226 -8.65 26.22 5.90
N GLY A 227 -7.50 26.83 6.15
CA GLY A 227 -6.36 26.72 5.26
C GLY A 227 -5.12 27.40 5.82
N PRO A 228 -3.94 26.92 5.41
CA PRO A 228 -2.63 27.45 5.82
C PRO A 228 -2.48 28.94 5.49
N ARG A 229 -2.59 29.31 4.22
CA ARG A 229 -2.47 30.69 3.81
C ARG A 229 -3.62 31.55 4.31
N ARG A 230 -4.75 30.91 4.60
CA ARG A 230 -5.93 31.61 5.09
C ARG A 230 -5.87 31.86 6.59
N ASN A 231 -4.83 31.33 7.24
CA ASN A 231 -4.61 31.54 8.66
C ASN A 231 -3.15 31.31 9.04
N LYS A 232 -2.34 32.34 8.86
CA LYS A 232 -0.89 32.24 9.00
C LYS A 232 -0.37 32.16 10.44
N GLU A 233 -0.87 33.04 11.30
CA GLU A 233 -0.34 33.19 12.65
C GLU A 233 -0.46 31.94 13.49
N VAL A 234 -1.46 31.11 13.19
CA VAL A 234 -1.63 29.84 13.90
C VAL A 234 -0.74 28.77 13.27
N MET A 235 -0.68 28.76 11.94
CA MET A 235 0.21 27.87 11.19
C MET A 235 1.64 27.95 11.71
N TYR A 236 2.07 29.18 12.00
CA TYR A 236 3.40 29.43 12.55
C TYR A 236 3.67 28.60 13.80
N LYS A 237 2.77 28.68 14.78
CA LYS A 237 2.95 27.95 16.03
C LYS A 237 2.74 26.45 15.85
N ILE A 238 1.89 26.07 14.90
CA ILE A 238 1.69 24.67 14.57
C ILE A 238 2.99 24.05 14.10
N ILE A 239 3.71 24.76 13.23
CA ILE A 239 4.98 24.27 12.72
C ILE A 239 6.08 24.32 13.77
N THR A 240 6.24 25.49 14.41
CA THR A 240 7.34 25.70 15.35
C THR A 240 7.14 24.95 16.67
N GLY A 241 5.94 24.40 16.87
CA GLY A 241 5.61 23.76 18.13
C GLY A 241 5.83 22.26 18.21
N LYS A 242 5.70 21.58 17.07
CA LYS A 242 5.73 20.12 17.05
C LYS A 242 7.03 19.49 17.56
N PRO A 243 6.91 18.45 18.38
CA PRO A 243 8.05 17.71 18.95
C PRO A 243 8.51 16.58 18.04
N SER A 244 9.63 15.96 18.38
CA SER A 244 10.18 14.85 17.60
C SER A 244 9.25 13.64 17.62
N GLY A 245 9.27 12.88 16.53
CA GLY A 245 8.44 11.69 16.40
C GLY A 245 7.10 11.99 15.76
N ALA A 246 6.66 13.24 15.91
CA ALA A 246 5.37 13.67 15.35
C ALA A 246 5.42 13.67 13.83
N ILE A 247 4.25 13.47 13.22
CA ILE A 247 4.13 13.48 11.77
C ILE A 247 3.19 14.58 11.30
N SER A 248 1.98 14.56 11.83
CA SER A 248 0.96 15.52 11.40
C SER A 248 0.18 16.10 12.58
N GLY A 249 -0.11 17.39 12.48
CA GLY A 249 -0.91 18.10 13.46
C GLY A 249 -2.04 18.85 12.78
N VAL A 250 -3.27 18.43 13.06
CA VAL A 250 -4.44 19.00 12.40
C VAL A 250 -5.32 19.76 13.39
N GLN A 251 -5.70 20.98 13.04
CA GLN A 251 -6.60 21.78 13.87
C GLN A 251 -8.04 21.67 13.42
N LYS A 252 -8.86 20.98 14.19
CA LYS A 252 -10.29 20.93 13.96
C LYS A 252 -10.95 22.16 14.57
N ALA A 253 -12.25 22.29 14.37
CA ALA A 253 -13.02 23.43 14.88
C ALA A 253 -12.53 24.78 14.34
N GLU A 254 -13.09 25.86 14.87
CA GLU A 254 -12.75 27.20 14.40
C GLU A 254 -11.63 27.84 15.22
N ASN A 255 -11.13 27.10 16.22
CA ASN A 255 -10.00 27.54 17.02
C ASN A 255 -9.45 26.42 17.89
N GLY A 256 -9.08 26.76 19.13
CA GLY A 256 -8.54 25.80 20.06
C GLY A 256 -7.16 25.30 19.67
N PRO A 257 -6.67 24.27 20.36
CA PRO A 257 -5.36 23.68 20.07
C PRO A 257 -5.37 22.86 18.78
N ILE A 258 -5.05 21.57 18.90
CA ILE A 258 -4.82 20.73 17.73
C ILE A 258 -5.08 19.25 18.00
N ASP A 259 -4.80 18.43 17.00
CA ASP A 259 -4.73 16.98 17.18
C ASP A 259 -3.33 16.53 16.78
N TRP A 260 -2.84 15.48 17.43
CA TRP A 260 -1.44 15.09 17.29
C TRP A 260 -1.29 13.65 16.82
N SER A 261 -0.59 13.45 15.71
CA SER A 261 -0.35 12.08 15.23
C SER A 261 1.06 11.85 14.71
N GLY A 262 1.62 10.69 15.09
CA GLY A 262 2.90 10.25 14.57
C GLY A 262 2.68 9.10 13.60
N ASP A 263 1.41 8.88 13.27
CA ASP A 263 1.04 7.83 12.33
C ASP A 263 0.28 8.39 11.13
N MET A 264 -0.08 7.53 10.20
CA MET A 264 -0.80 7.94 9.00
C MET A 264 -2.30 7.99 9.25
N PRO A 265 -3.00 8.89 8.55
CA PRO A 265 -4.47 8.97 8.60
C PRO A 265 -5.11 7.66 8.21
N LEU A 266 -6.30 7.38 8.77
CA LEU A 266 -7.01 6.14 8.51
C LEU A 266 -7.36 5.99 7.03
N SER A 267 -7.58 7.12 6.37
CA SER A 267 -7.99 7.13 4.97
C SER A 267 -6.85 6.72 4.03
N CYS A 268 -5.64 6.71 4.55
CA CYS A 268 -4.46 6.32 3.76
C CYS A 268 -4.44 4.81 3.58
N SER A 269 -4.41 4.36 2.32
CA SER A 269 -4.50 2.94 2.02
C SER A 269 -3.13 2.30 1.75
N LEU A 270 -2.06 3.03 2.02
CA LEU A 270 -0.71 2.48 1.93
C LEU A 270 -0.61 1.29 2.88
N SER A 271 -0.05 0.18 2.39
CA SER A 271 0.05 -1.05 3.16
C SER A 271 0.76 -0.82 4.49
N GLN A 272 0.47 -1.67 5.46
CA GLN A 272 1.00 -1.51 6.82
C GLN A 272 2.53 -1.57 6.86
N GLY A 273 3.12 -2.41 6.03
CA GLY A 273 4.57 -2.55 5.97
C GLY A 273 5.27 -1.30 5.48
N LEU A 274 4.85 -0.84 4.30
CA LEU A 274 5.39 0.39 3.72
C LEU A 274 5.20 1.55 4.67
N GLN A 275 4.06 1.56 5.37
CA GLN A 275 3.75 2.60 6.33
C GLN A 275 4.73 2.53 7.50
N ALA A 276 5.06 1.31 7.92
CA ALA A 276 6.02 1.09 8.99
C ALA A 276 7.41 1.54 8.57
N LEU A 277 7.68 1.49 7.27
CA LEU A 277 8.96 1.96 6.74
C LEU A 277 8.96 3.45 6.46
N LEU A 278 7.78 4.05 6.39
CA LEU A 278 7.62 5.44 5.93
C LEU A 278 7.44 6.43 7.08
N THR A 279 6.80 5.98 8.15
CA THR A 279 6.59 6.85 9.32
C THR A 279 7.88 7.38 9.98
N PRO A 280 8.86 6.49 10.27
CA PRO A 280 10.06 7.01 10.93
C PRO A 280 10.87 8.01 10.10
N VAL A 281 10.99 7.78 8.80
CA VAL A 281 11.76 8.69 7.94
C VAL A 281 11.13 10.08 7.88
N LEU A 282 9.80 10.12 7.76
CA LEU A 282 9.07 11.39 7.76
C LEU A 282 9.24 12.15 9.08
N ALA A 283 9.25 11.42 10.19
CA ALA A 283 9.38 12.04 11.51
C ALA A 283 10.76 12.66 11.71
N ASN A 284 11.79 11.99 11.19
CA ASN A 284 13.15 12.47 11.30
C ASN A 284 13.46 13.55 10.27
N ILE A 285 12.59 13.65 9.27
CA ILE A 285 12.79 14.60 8.17
C ILE A 285 12.01 15.89 8.38
N LEU A 286 11.06 15.86 9.32
CA LEU A 286 10.26 17.03 9.65
C LEU A 286 10.62 17.59 11.03
N GLU A 287 11.92 17.64 11.32
CA GLU A 287 12.39 18.18 12.60
C GLU A 287 13.03 19.55 12.41
N ALA A 288 12.88 20.42 13.40
CA ALA A 288 13.32 21.81 13.28
C ALA A 288 14.54 22.14 14.13
N ASP A 289 15.57 21.31 14.06
CA ASP A 289 16.85 21.61 14.69
C ASP A 289 18.02 20.88 14.02
N GLN A 290 19.16 20.83 14.69
CA GLN A 290 20.39 20.37 14.05
C GLN A 290 20.54 18.85 13.93
N GLU A 291 21.16 18.23 14.94
CA GLU A 291 21.57 16.83 14.87
C GLU A 291 20.46 15.83 14.53
N LYS A 292 19.33 15.91 15.24
CA LYS A 292 18.25 14.92 15.06
C LYS A 292 17.32 15.26 13.91
N CYS A 293 17.87 15.84 12.85
CA CYS A 293 17.08 16.19 11.67
C CYS A 293 17.49 15.32 10.49
N TRP A 294 18.43 14.42 10.74
CA TRP A 294 18.97 13.52 9.70
C TRP A 294 19.76 14.25 8.62
N GLY A 295 21.05 13.93 8.52
CA GLY A 295 21.86 14.41 7.41
C GLY A 295 21.37 13.76 6.14
N PHE A 296 21.73 14.31 4.99
CA PHE A 296 21.22 13.81 3.72
C PHE A 296 21.66 12.38 3.43
N ASP A 297 22.91 12.05 3.74
CA ASP A 297 23.47 10.75 3.40
C ASP A 297 22.69 9.59 4.02
N GLN A 298 22.37 9.70 5.30
CA GLN A 298 21.63 8.66 5.99
C GLN A 298 20.18 8.58 5.49
N PHE A 299 19.63 9.73 5.12
CA PHE A 299 18.29 9.79 4.55
C PHE A 299 18.25 9.06 3.22
N PHE A 300 19.29 9.26 2.42
CA PHE A 300 19.42 8.60 1.13
C PHE A 300 19.59 7.10 1.32
N ALA A 301 20.43 6.71 2.27
CA ALA A 301 20.64 5.30 2.57
C ALA A 301 19.33 4.65 3.02
N GLU A 302 18.54 5.40 3.78
CA GLU A 302 17.27 4.91 4.30
C GLU A 302 16.25 4.71 3.17
N THR A 303 16.03 5.78 2.41
CA THR A 303 15.09 5.72 1.29
C THR A 303 15.49 4.65 0.28
N SER A 304 16.79 4.56 -0.01
CA SER A 304 17.30 3.54 -0.92
C SER A 304 17.03 2.15 -0.36
N ASP A 305 17.27 1.99 0.94
CA ASP A 305 16.96 0.74 1.62
C ASP A 305 15.51 0.35 1.41
N VAL A 306 14.60 1.31 1.61
CA VAL A 306 13.17 1.05 1.44
C VAL A 306 12.83 0.69 -0.01
N LEU A 307 13.41 1.43 -0.95
CA LEU A 307 13.09 1.28 -2.37
C LEU A 307 13.68 0.02 -2.99
N HIS A 308 14.70 -0.55 -2.36
CA HIS A 308 15.35 -1.74 -2.89
C HIS A 308 14.62 -3.03 -2.52
N ARG A 309 13.82 -2.99 -1.45
CA ARG A 309 13.13 -4.18 -0.98
C ARG A 309 12.10 -4.67 -1.99
N MET A 310 11.91 -5.98 -2.05
CA MET A 310 10.84 -6.56 -2.84
C MET A 310 9.61 -6.74 -1.94
N VAL A 311 8.45 -6.92 -2.55
CA VAL A 311 7.22 -7.09 -1.80
C VAL A 311 6.64 -8.49 -1.96
N ILE A 312 6.37 -9.14 -0.84
CA ILE A 312 5.65 -10.41 -0.87
C ILE A 312 4.27 -10.25 -0.24
N HIS A 313 3.24 -10.57 -1.00
CA HIS A 313 1.87 -10.44 -0.52
C HIS A 313 1.46 -11.67 0.28
N VAL A 314 1.03 -11.47 1.52
CA VAL A 314 0.49 -12.56 2.32
C VAL A 314 -0.91 -12.19 2.79
N PHE A 315 -1.74 -13.20 3.07
CA PHE A 315 -3.08 -12.92 3.54
C PHE A 315 -3.40 -13.65 4.84
N SER A 316 -3.53 -12.88 5.91
CA SER A 316 -3.91 -13.42 7.21
C SER A 316 -5.36 -13.87 7.18
N LEU A 317 -5.56 -15.18 7.25
CA LEU A 317 -6.87 -15.80 7.09
C LEU A 317 -7.65 -15.86 8.41
N GLN A 318 -6.97 -15.59 9.51
CA GLN A 318 -7.63 -15.59 10.81
C GLN A 318 -8.10 -14.19 11.19
N HIS A 319 -7.41 -13.17 10.69
CA HIS A 319 -7.80 -11.79 10.93
C HIS A 319 -8.59 -11.25 9.74
N MET A 320 -8.59 -12.01 8.65
CA MET A 320 -9.15 -11.56 7.37
C MET A 320 -8.50 -10.25 6.96
N THR A 321 -7.16 -10.23 6.93
CA THR A 321 -6.44 -9.00 6.62
C THR A 321 -5.28 -9.25 5.67
N ALA A 322 -5.19 -8.43 4.62
CA ALA A 322 -4.11 -8.54 3.64
C ALA A 322 -2.86 -7.80 4.11
N HIS A 323 -1.70 -8.29 3.70
CA HIS A 323 -0.43 -7.70 4.12
C HIS A 323 0.60 -7.70 2.99
N LYS A 324 1.35 -6.61 2.91
CA LYS A 324 2.49 -6.54 2.01
C LYS A 324 3.76 -6.52 2.84
N ILE A 325 4.52 -7.62 2.79
CA ILE A 325 5.79 -7.68 3.51
C ILE A 325 6.93 -7.14 2.65
N TYR A 326 7.61 -6.12 3.15
CA TYR A 326 8.74 -5.51 2.46
C TYR A 326 10.05 -6.16 2.89
N ILE A 327 10.37 -7.27 2.24
CA ILE A 327 11.59 -8.02 2.54
C ILE A 327 12.69 -7.61 1.57
N HIS A 328 13.93 -7.63 2.03
CA HIS A 328 15.07 -7.38 1.15
C HIS A 328 15.29 -8.58 0.23
N SER A 329 15.92 -8.33 -0.91
CA SER A 329 16.08 -9.35 -1.94
C SER A 329 17.10 -10.43 -1.56
N TYR A 330 17.67 -10.33 -0.36
CA TYR A 330 18.67 -11.30 0.08
C TYR A 330 18.39 -11.85 1.46
N ASN A 331 17.42 -11.25 2.15
CA ASN A 331 17.06 -11.67 3.50
C ASN A 331 16.48 -13.09 3.55
N THR A 332 16.73 -13.77 4.66
CA THR A 332 16.30 -15.16 4.83
C THR A 332 14.83 -15.27 5.23
N ALA A 333 14.37 -16.49 5.44
CA ALA A 333 12.97 -16.74 5.79
C ALA A 333 12.69 -16.41 7.26
N ALA A 334 13.74 -16.36 8.05
CA ALA A 334 13.62 -16.06 9.48
C ALA A 334 13.12 -14.65 9.69
N VAL A 335 13.83 -13.68 9.12
CA VAL A 335 13.43 -12.28 9.20
C VAL A 335 12.06 -12.08 8.54
N PHE A 336 11.78 -12.86 7.50
CA PHE A 336 10.46 -12.86 6.88
C PHE A 336 9.37 -13.19 7.89
N HIS A 337 9.55 -14.32 8.58
CA HIS A 337 8.62 -14.75 9.62
C HIS A 337 8.51 -13.70 10.73
N GLU A 338 9.61 -13.02 11.00
CA GLU A 338 9.62 -11.98 12.03
C GLU A 338 8.79 -10.76 11.59
N LEU A 339 8.79 -10.48 10.29
CA LEU A 339 8.01 -9.39 9.74
C LEU A 339 6.52 -9.74 9.75
N VAL A 340 6.21 -10.94 9.28
CA VAL A 340 4.84 -11.46 9.28
C VAL A 340 4.28 -11.42 10.70
N TYR A 341 5.11 -11.82 11.66
CA TYR A 341 4.75 -11.71 13.06
C TYR A 341 4.52 -10.26 13.46
N LYS A 342 5.44 -9.39 13.03
CA LYS A 342 5.40 -7.98 13.41
C LYS A 342 4.11 -7.31 12.95
N GLN A 343 3.56 -7.77 11.85
CA GLN A 343 2.29 -7.21 11.36
C GLN A 343 1.06 -7.95 11.90
N THR A 344 1.21 -9.24 12.18
CA THR A 344 0.06 -10.06 12.53
C THR A 344 0.05 -10.60 13.97
N LYS A 345 1.18 -10.42 14.67
CA LYS A 345 1.31 -10.86 16.06
C LYS A 345 1.16 -12.36 16.27
N ILE A 346 1.49 -13.12 15.25
CA ILE A 346 1.56 -14.58 15.38
C ILE A 346 3.02 -15.00 15.16
N VAL A 347 3.58 -15.70 16.15
CA VAL A 347 5.02 -15.90 16.23
C VAL A 347 5.55 -17.11 15.49
N SER A 348 6.28 -16.86 14.40
CA SER A 348 7.10 -17.83 13.68
C SER A 348 6.62 -19.28 13.72
N SER A 349 6.82 -19.92 14.87
CA SER A 349 6.49 -21.32 15.05
C SER A 349 4.99 -21.59 14.99
N ASN A 350 4.19 -20.52 15.07
CA ASN A 350 2.75 -20.64 14.95
C ASN A 350 2.27 -20.46 13.52
N GLN A 351 3.12 -19.84 12.70
CA GLN A 351 2.76 -19.52 11.32
C GLN A 351 2.65 -20.74 10.43
N GLU A 352 1.50 -20.88 9.77
CA GLU A 352 1.27 -21.96 8.83
C GLU A 352 0.87 -21.39 7.47
N LEU A 353 1.58 -21.80 6.42
CA LEU A 353 1.52 -21.13 5.13
C LEU A 353 0.90 -21.99 4.03
N ILE A 354 0.17 -21.35 3.11
CA ILE A 354 -0.48 -22.04 2.01
C ILE A 354 -0.32 -21.27 0.70
N TYR A 355 0.04 -21.98 -0.36
CA TYR A 355 0.19 -21.39 -1.69
C TYR A 355 -0.43 -22.29 -2.77
N GLU A 356 -1.39 -21.74 -3.50
CA GLU A 356 -2.06 -22.45 -4.60
C GLU A 356 -2.61 -23.82 -4.22
N GLY A 357 -3.31 -23.87 -3.09
CA GLY A 357 -4.02 -25.07 -2.67
C GLY A 357 -3.16 -26.08 -1.94
N ARG A 358 -1.91 -25.72 -1.68
CA ARG A 358 -0.97 -26.64 -1.02
C ARG A 358 -0.19 -25.96 0.10
N ARG A 359 0.34 -26.78 1.01
CA ARG A 359 1.13 -26.29 2.14
C ARG A 359 2.39 -25.57 1.68
N LEU A 360 3.03 -24.87 2.61
CA LEU A 360 4.28 -24.18 2.32
C LEU A 360 5.24 -24.26 3.51
N VAL A 361 6.47 -24.65 3.23
CA VAL A 361 7.49 -24.75 4.27
C VAL A 361 8.75 -24.00 3.87
N LEU A 362 9.23 -23.12 4.75
CA LEU A 362 10.39 -22.31 4.47
C LEU A 362 11.61 -22.75 5.28
N GLU A 363 12.71 -23.02 4.58
CA GLU A 363 13.96 -23.37 5.23
C GLU A 363 14.44 -22.19 6.05
N LEU A 364 15.08 -22.47 7.18
CA LEU A 364 15.46 -21.43 8.13
C LEU A 364 16.41 -20.37 7.56
N GLY A 365 16.89 -20.59 6.35
CA GLY A 365 17.76 -19.63 5.69
C GLY A 365 17.51 -19.54 4.19
N ARG A 366 16.25 -19.53 3.80
CA ARG A 366 15.89 -19.40 2.38
C ARG A 366 15.75 -17.94 1.95
N LEU A 367 16.41 -17.59 0.85
CA LEU A 367 16.39 -16.22 0.35
C LEU A 367 15.07 -15.85 -0.30
N ALA A 368 14.80 -14.55 -0.40
CA ALA A 368 13.52 -14.06 -0.90
C ALA A 368 13.45 -14.04 -2.43
N GLN A 369 14.60 -14.15 -3.08
CA GLN A 369 14.67 -14.20 -4.54
C GLN A 369 13.98 -15.45 -5.06
N HIS A 370 14.15 -16.55 -4.32
CA HIS A 370 13.68 -17.85 -4.75
C HIS A 370 12.27 -18.14 -4.23
N PHE A 371 11.69 -17.14 -3.56
CA PHE A 371 10.32 -17.24 -3.06
C PHE A 371 9.33 -17.39 -4.21
N PRO A 372 8.16 -17.99 -3.94
CA PRO A 372 7.12 -18.07 -4.97
C PRO A 372 6.57 -16.69 -5.31
N LYS A 373 6.28 -16.46 -6.59
CA LYS A 373 5.80 -15.17 -7.04
C LYS A 373 4.32 -14.95 -6.70
N THR A 374 4.06 -13.92 -5.89
CA THR A 374 2.71 -13.61 -5.45
C THR A 374 2.24 -12.25 -5.93
N THR A 375 1.05 -12.22 -6.53
CA THR A 375 0.35 -10.97 -6.81
C THR A 375 -0.47 -10.65 -5.57
N GLU A 376 -1.44 -9.75 -5.69
CA GLU A 376 -2.30 -9.45 -4.56
C GLU A 376 -3.58 -10.29 -4.61
N GLU A 377 -3.77 -10.98 -5.74
CA GLU A 377 -4.91 -11.86 -5.92
C GLU A 377 -4.47 -13.31 -5.89
N ASN A 378 -3.22 -13.53 -5.51
CA ASN A 378 -2.66 -14.87 -5.37
C ASN A 378 -1.48 -14.83 -4.39
N PRO A 379 -1.79 -14.66 -3.09
CA PRO A 379 -0.74 -14.43 -2.09
C PRO A 379 -0.37 -15.69 -1.33
N ILE A 380 0.48 -15.53 -0.32
CA ILE A 380 0.78 -16.60 0.61
C ILE A 380 -0.23 -16.52 1.76
N PHE A 381 -1.19 -17.44 1.78
CA PHE A 381 -2.17 -17.45 2.86
C PHE A 381 -1.48 -17.88 4.17
N VAL A 382 -1.72 -17.13 5.24
CA VAL A 382 -1.11 -17.48 6.51
C VAL A 382 -2.18 -17.72 7.58
N THR A 383 -1.85 -18.57 8.54
CA THR A 383 -2.75 -18.87 9.64
C THR A 383 -1.96 -19.30 10.85
N SER A 384 -2.56 -19.18 12.03
CA SER A 384 -1.93 -19.60 13.27
C SER A 384 -2.47 -20.96 13.68
N ARG A 385 -1.92 -21.51 14.75
CA ARG A 385 -2.41 -22.78 15.28
C ARG A 385 -3.38 -22.51 16.42
N GLU A 386 -3.29 -21.33 17.01
CA GLU A 386 -4.18 -20.95 18.11
C GLU A 386 -5.40 -20.19 17.61
N GLN A 387 -6.26 -19.79 18.53
CA GLN A 387 -7.51 -19.11 18.20
C GLN A 387 -7.38 -17.60 18.29
N LEU A 388 -7.64 -16.92 17.18
CA LEU A 388 -7.56 -15.46 17.12
C LEU A 388 -8.90 -14.86 16.70
N ASN A 389 -8.98 -13.53 16.70
CA ASN A 389 -10.19 -12.83 16.28
C ASN A 389 -10.00 -12.16 14.93
N THR A 390 -11.04 -12.16 14.11
CA THR A 390 -10.99 -11.51 12.80
C THR A 390 -10.97 -9.99 12.96
N VAL A 391 -10.12 -9.33 12.18
CA VAL A 391 -9.98 -7.89 12.24
C VAL A 391 -10.62 -7.20 11.04
N GLY A 392 -10.29 -7.69 9.85
CA GLY A 392 -10.86 -7.16 8.63
C GLY A 392 -10.25 -5.84 8.19
N LEU A 393 -10.77 -5.29 7.11
CA LEU A 393 -10.30 -4.03 6.56
C LEU A 393 -10.53 -2.89 7.54
N ARG A 394 -9.50 -2.07 7.75
CA ARG A 394 -9.62 -0.89 8.59
C ARG A 394 -9.55 0.37 7.74
N TYR A 395 -10.71 0.82 7.27
CA TYR A 395 -10.81 2.06 6.52
C TYR A 395 -11.43 3.16 7.38
N GLU A 396 -11.63 4.33 6.79
CA GLU A 396 -12.26 5.43 7.52
C GLU A 396 -13.66 5.70 6.97
N LYS A 397 -14.65 5.71 7.86
CA LYS A 397 -16.03 5.93 7.48
C LYS A 397 -16.27 7.40 7.11
N ILE A 398 -15.85 7.78 5.91
CA ILE A 398 -16.00 9.15 5.42
C ILE A 398 -17.42 9.37 4.90
N SER A 399 -18.02 10.49 5.32
CA SER A 399 -19.39 10.80 4.92
C SER A 399 -19.43 11.92 3.88
N LEU A 400 -20.49 11.89 3.06
CA LEU A 400 -20.71 12.89 2.02
C LEU A 400 -20.76 14.31 2.61
N PRO A 401 -20.12 15.25 1.92
CA PRO A 401 -20.19 16.65 2.37
C PRO A 401 -21.59 17.21 2.10
N LYS A 402 -22.08 18.07 2.98
CA LYS A 402 -23.38 18.69 2.77
C LYS A 402 -23.37 19.55 1.52
N ILE A 403 -24.17 19.15 0.54
CA ILE A 403 -24.29 19.88 -0.71
C ILE A 403 -25.16 21.12 -0.50
N HIS A 404 -24.49 22.27 -0.33
CA HIS A 404 -25.16 23.52 -0.04
C HIS A 404 -26.18 23.92 -1.11
N PRO A 405 -27.45 24.02 -0.71
CA PRO A 405 -28.50 24.51 -1.61
C PRO A 405 -28.30 25.99 -1.92
N ARG A 406 -27.68 26.28 -3.06
CA ARG A 406 -27.39 27.64 -3.46
C ARG A 406 -27.05 27.66 -4.95
N TYR A 407 -26.37 28.72 -5.38
CA TYR A 407 -25.83 28.80 -6.73
C TYR A 407 -24.54 29.60 -6.72
N ASP A 408 -23.42 28.89 -6.82
CA ASP A 408 -22.09 29.51 -6.81
C ASP A 408 -21.11 28.61 -7.54
N LEU A 409 -20.68 29.03 -8.72
CA LEU A 409 -19.87 28.19 -9.61
C LEU A 409 -18.60 27.65 -8.98
N ASP A 410 -17.84 28.52 -8.31
CA ASP A 410 -16.62 28.11 -7.64
C ASP A 410 -16.92 27.08 -6.56
N GLY A 411 -17.80 27.46 -5.63
CA GLY A 411 -18.19 26.60 -4.53
C GLY A 411 -18.80 25.29 -4.99
N ASP A 412 -19.55 25.33 -6.07
CA ASP A 412 -20.17 24.12 -6.62
C ASP A 412 -19.13 23.20 -7.24
N ALA A 413 -18.15 23.79 -7.93
CA ALA A 413 -17.05 23.03 -8.50
C ALA A 413 -16.28 22.31 -7.39
N SER A 414 -15.92 23.06 -6.35
CA SER A 414 -15.21 22.50 -5.21
C SER A 414 -16.02 21.38 -4.56
N MET A 415 -17.31 21.63 -4.38
CA MET A 415 -18.23 20.67 -3.79
C MET A 415 -18.24 19.37 -4.58
N ALA A 416 -18.42 19.47 -5.89
CA ALA A 416 -18.45 18.31 -6.76
C ALA A 416 -17.11 17.56 -6.71
N LYS A 417 -16.03 18.30 -6.55
CA LYS A 417 -14.71 17.70 -6.39
C LYS A 417 -14.66 16.82 -5.14
N ALA A 418 -15.08 17.40 -4.02
CA ALA A 418 -15.12 16.69 -2.75
C ALA A 418 -16.00 15.43 -2.83
N VAL A 419 -17.21 15.59 -3.36
CA VAL A 419 -18.14 14.49 -3.52
C VAL A 419 -17.55 13.36 -4.35
N THR A 420 -16.99 13.71 -5.51
CA THR A 420 -16.36 12.73 -6.39
C THR A 420 -15.26 11.97 -5.64
N GLY A 421 -14.49 12.72 -4.85
CA GLY A 421 -13.44 12.11 -4.05
C GLY A 421 -13.99 11.07 -3.08
N VAL A 422 -15.01 11.46 -2.31
CA VAL A 422 -15.62 10.55 -1.34
C VAL A 422 -16.17 9.28 -1.99
N VAL A 423 -17.00 9.47 -3.02
CA VAL A 423 -17.59 8.35 -3.75
C VAL A 423 -16.50 7.43 -4.32
N CYS A 424 -15.42 8.02 -4.80
CA CYS A 424 -14.31 7.25 -5.33
C CYS A 424 -13.67 6.39 -4.24
N TYR A 425 -13.49 6.99 -3.06
CA TYR A 425 -12.95 6.25 -1.91
C TYR A 425 -13.87 5.09 -1.58
N ALA A 426 -15.18 5.32 -1.66
CA ALA A 426 -16.16 4.27 -1.43
C ALA A 426 -16.01 3.14 -2.44
N CYS A 427 -15.74 3.51 -3.69
CA CYS A 427 -15.50 2.51 -4.74
C CYS A 427 -14.28 1.65 -4.42
N ARG A 428 -13.16 2.30 -4.10
CA ARG A 428 -11.94 1.59 -3.73
C ARG A 428 -12.18 0.63 -2.56
N THR A 429 -12.85 1.14 -1.52
CA THR A 429 -13.15 0.34 -0.33
C THR A 429 -14.01 -0.88 -0.67
N ALA A 430 -15.03 -0.67 -1.51
CA ALA A 430 -15.90 -1.75 -1.95
C ALA A 430 -15.09 -2.83 -2.67
N SER A 431 -14.23 -2.41 -3.58
CA SER A 431 -13.37 -3.33 -4.32
C SER A 431 -12.50 -4.14 -3.38
N THR A 432 -11.87 -3.47 -2.42
CA THR A 432 -11.02 -4.15 -1.44
C THR A 432 -11.80 -5.16 -0.60
N LEU A 433 -12.99 -4.78 -0.16
CA LEU A 433 -13.84 -5.69 0.60
C LEU A 433 -14.17 -6.94 -0.21
N LEU A 434 -14.53 -6.74 -1.47
CA LEU A 434 -14.77 -7.86 -2.38
C LEU A 434 -13.53 -8.75 -2.48
N LEU A 435 -12.36 -8.12 -2.53
CA LEU A 435 -11.10 -8.86 -2.61
C LEU A 435 -10.88 -9.74 -1.36
N TYR A 436 -11.07 -9.16 -0.18
CA TYR A 436 -10.92 -9.90 1.07
C TYR A 436 -11.89 -11.07 1.09
N GLN A 437 -13.11 -10.84 0.60
CA GLN A 437 -14.12 -11.88 0.52
C GLN A 437 -13.68 -13.04 -0.38
N GLU A 438 -13.22 -12.70 -1.58
CA GLU A 438 -12.80 -13.71 -2.56
C GLU A 438 -11.59 -14.52 -2.08
N LEU A 439 -10.58 -13.83 -1.59
CA LEU A 439 -9.39 -14.48 -1.04
C LEU A 439 -9.80 -15.38 0.13
N MET A 440 -10.80 -14.93 0.89
CA MET A 440 -11.32 -15.72 2.00
C MET A 440 -11.93 -17.03 1.50
N ARG A 441 -12.78 -16.94 0.47
CA ARG A 441 -13.41 -18.11 -0.12
C ARG A 441 -12.37 -19.11 -0.63
N LYS A 442 -11.46 -18.61 -1.46
CA LYS A 442 -10.38 -19.43 -2.02
C LYS A 442 -9.56 -20.12 -0.93
N GLY A 443 -9.10 -19.33 0.03
CA GLY A 443 -8.27 -19.84 1.11
C GLY A 443 -8.99 -20.86 1.98
N VAL A 444 -10.28 -20.67 2.17
CA VAL A 444 -11.09 -21.61 2.95
C VAL A 444 -11.25 -22.94 2.21
N ARG A 445 -11.61 -22.86 0.93
CA ARG A 445 -11.73 -24.05 0.08
C ARG A 445 -10.43 -24.85 0.14
N TRP A 446 -9.32 -24.15 -0.07
CA TRP A 446 -8.00 -24.76 -0.02
C TRP A 446 -7.69 -25.38 1.34
N LEU A 447 -8.05 -24.68 2.41
CA LEU A 447 -7.73 -25.14 3.76
C LEU A 447 -8.50 -26.41 4.11
N VAL A 448 -9.77 -26.47 3.72
CA VAL A 448 -10.58 -27.67 3.90
C VAL A 448 -9.94 -28.83 3.13
N GLU A 449 -9.69 -28.60 1.85
CA GLU A 449 -9.10 -29.62 1.00
C GLU A 449 -7.67 -29.97 1.43
N LEU A 450 -7.14 -29.19 2.37
CA LEU A 450 -5.78 -29.40 2.87
C LEU A 450 -5.82 -30.14 4.20
N VAL A 451 -6.97 -30.07 4.88
CA VAL A 451 -7.18 -30.84 6.10
C VAL A 451 -7.52 -32.27 5.71
N LYS A 452 -8.29 -32.41 4.63
CA LYS A 452 -8.63 -33.73 4.12
C LYS A 452 -7.37 -34.56 3.81
N ASP A 453 -6.31 -33.88 3.38
CA ASP A 453 -5.03 -34.51 3.12
C ASP A 453 -4.43 -35.11 4.39
N ASP A 454 -4.41 -34.32 5.45
CA ASP A 454 -3.91 -34.78 6.75
C ASP A 454 -4.75 -35.96 7.24
N TYR A 455 -6.04 -35.92 6.98
CA TYR A 455 -6.93 -37.03 7.31
C TYR A 455 -6.51 -38.32 6.59
N ASN A 456 -6.38 -38.22 5.26
CA ASN A 456 -5.98 -39.37 4.46
C ASN A 456 -4.63 -39.95 4.87
N GLU A 457 -3.67 -39.08 5.13
CA GLU A 457 -2.34 -39.48 5.57
C GLU A 457 -2.42 -40.22 6.91
N THR A 458 -3.19 -39.64 7.83
CA THR A 458 -3.42 -40.25 9.14
C THR A 458 -4.01 -41.66 8.99
N VAL A 459 -4.99 -41.81 8.10
CA VAL A 459 -5.59 -43.11 7.83
C VAL A 459 -4.56 -44.10 7.29
N HIS A 460 -3.71 -43.62 6.37
CA HIS A 460 -2.64 -44.43 5.83
C HIS A 460 -1.76 -44.99 6.96
N LYS A 461 -1.29 -44.10 7.83
CA LYS A 461 -0.51 -44.50 9.00
C LYS A 461 -1.25 -45.53 9.85
N LYS A 462 -2.52 -45.24 10.12
CA LYS A 462 -3.35 -46.08 10.97
C LYS A 462 -3.44 -47.51 10.44
N THR A 463 -3.92 -47.67 9.21
CA THR A 463 -4.03 -49.00 8.61
C THR A 463 -2.66 -49.68 8.54
N GLU A 464 -1.64 -48.88 8.25
CA GLU A 464 -0.25 -49.35 8.25
C GLU A 464 0.12 -50.02 9.57
N VAL A 465 -0.41 -49.50 10.69
CA VAL A 465 -0.15 -50.14 11.97
C VAL A 465 -1.16 -51.25 12.31
N VAL A 466 -2.34 -51.17 11.72
CA VAL A 466 -3.39 -52.15 11.99
C VAL A 466 -3.05 -53.50 11.36
N ILE A 467 -2.39 -53.49 10.20
CA ILE A 467 -1.92 -54.74 9.62
C ILE A 467 -0.85 -55.39 10.50
N THR A 468 -0.09 -54.55 11.21
CA THR A 468 0.92 -55.02 12.14
C THR A 468 0.29 -55.67 13.36
N LEU A 469 -0.68 -54.99 13.95
CA LEU A 469 -1.44 -55.56 15.08
C LEU A 469 -2.07 -56.90 14.67
N ASP A 470 -2.72 -56.89 13.51
CA ASP A 470 -3.39 -58.06 12.97
C ASP A 470 -2.42 -59.22 12.86
N PHE A 471 -1.31 -59.00 12.16
CA PHE A 471 -0.33 -60.08 11.97
C PHE A 471 0.29 -60.55 13.29
N CYS A 472 0.45 -59.64 14.25
CA CYS A 472 0.97 -60.01 15.57
C CYS A 472 0.03 -60.94 16.33
N ILE A 473 -1.22 -60.48 16.54
CA ILE A 473 -2.22 -61.28 17.24
C ILE A 473 -2.41 -62.63 16.55
N ARG A 474 -2.59 -62.58 15.23
CA ARG A 474 -2.74 -63.78 14.42
C ARG A 474 -1.55 -64.71 14.60
N ASN A 475 -0.36 -64.12 14.73
CA ASN A 475 0.85 -64.92 14.83
C ASN A 475 0.98 -65.64 16.17
N ILE A 476 0.76 -64.93 17.26
CA ILE A 476 0.80 -65.59 18.56
C ILE A 476 -0.32 -66.63 18.67
N GLU A 477 -1.47 -66.35 18.07
CA GLU A 477 -2.53 -67.34 17.99
C GLU A 477 -2.07 -68.62 17.29
N LYS A 478 -1.47 -68.45 16.10
CA LYS A 478 -0.93 -69.57 15.34
C LYS A 478 0.10 -70.36 16.14
N THR A 479 1.17 -69.68 16.54
CA THR A 479 2.29 -70.31 17.25
C THR A 479 1.84 -71.03 18.51
N VAL A 480 0.95 -70.43 19.28
CA VAL A 480 0.44 -71.08 20.48
C VAL A 480 -0.42 -72.30 20.14
N LYS A 481 -1.25 -72.16 19.11
CA LYS A 481 -2.09 -73.25 18.65
C LYS A 481 -1.25 -74.48 18.30
N VAL A 482 -0.31 -74.29 17.38
CA VAL A 482 0.57 -75.40 16.97
C VAL A 482 1.42 -75.90 18.14
N TYR A 483 1.82 -75.00 19.02
CA TYR A 483 2.61 -75.37 20.20
C TYR A 483 1.87 -76.35 21.10
N GLU A 484 0.69 -75.94 21.56
CA GLU A 484 -0.08 -76.79 22.47
C GLU A 484 -0.95 -77.81 21.74
N LYS A 485 -0.72 -77.95 20.43
CA LYS A 485 -1.28 -79.07 19.69
C LYS A 485 -0.24 -80.15 19.60
N LEU A 486 0.97 -79.77 19.19
CA LEU A 486 2.07 -80.71 19.02
C LEU A 486 2.57 -81.27 20.35
N MET A 487 2.77 -80.38 21.31
CA MET A 487 3.27 -80.78 22.63
C MET A 487 2.12 -80.92 23.63
N LYS A 488 0.90 -80.64 23.17
CA LYS A 488 -0.30 -80.68 24.00
C LYS A 488 -0.24 -79.74 25.21
N VAL A 489 0.59 -80.10 26.19
CA VAL A 489 0.74 -79.28 27.39
C VAL A 489 1.58 -78.02 27.13
N ASN A 490 2.28 -77.56 28.17
CA ASN A 490 3.12 -76.37 28.04
C ASN A 490 4.57 -76.64 28.42
N GLU A 495 4.67 -70.03 28.05
CA GLU A 495 3.70 -70.64 28.97
C GLU A 495 2.28 -70.21 28.62
N LEU A 496 1.32 -71.10 28.88
CA LEU A 496 -0.09 -70.84 28.59
C LEU A 496 -0.62 -69.62 29.31
N GLY A 497 -0.06 -69.33 30.48
CA GLY A 497 -0.50 -68.19 31.27
C GLY A 497 0.42 -66.99 31.12
N GLU A 498 1.55 -67.19 30.46
CA GLU A 498 2.52 -66.12 30.28
C GLU A 498 2.21 -65.28 29.05
N ILE A 499 2.08 -65.95 27.90
CA ILE A 499 1.80 -65.26 26.64
C ILE A 499 0.40 -64.65 26.62
N SER A 500 -0.48 -65.21 27.45
CA SER A 500 -1.88 -64.78 27.49
C SER A 500 -2.00 -63.29 27.83
N ASP A 501 -1.02 -62.78 28.55
CA ASP A 501 -0.99 -61.37 28.90
C ASP A 501 -0.52 -60.51 27.73
N ILE A 502 0.41 -61.04 26.93
CA ILE A 502 0.85 -60.37 25.71
C ILE A 502 -0.31 -60.28 24.73
N HIS A 503 -1.03 -61.39 24.60
CA HIS A 503 -2.24 -61.45 23.78
C HIS A 503 -3.26 -60.44 24.28
N THR A 504 -3.50 -60.45 25.58
CA THR A 504 -4.48 -59.58 26.21
C THR A 504 -4.16 -58.09 26.01
N LYS A 505 -2.88 -57.74 26.12
CA LYS A 505 -2.49 -56.34 25.96
C LYS A 505 -2.50 -55.92 24.49
N LEU A 506 -2.20 -56.87 23.59
CA LEU A 506 -2.34 -56.61 22.17
C LEU A 506 -3.81 -56.29 21.84
N LEU A 507 -4.72 -57.07 22.42
CA LEU A 507 -6.14 -56.79 22.26
C LEU A 507 -6.51 -55.45 22.89
N ARG A 508 -5.87 -55.15 24.02
CA ARG A 508 -6.07 -53.88 24.72
C ARG A 508 -5.65 -52.72 23.81
N LEU A 509 -4.72 -52.98 22.90
CA LEU A 509 -4.32 -52.00 21.91
C LEU A 509 -5.33 -51.94 20.75
N SER A 510 -5.80 -53.10 20.33
CA SER A 510 -6.78 -53.18 19.25
C SER A 510 -8.07 -52.44 19.58
N SER A 511 -8.46 -52.45 20.86
CA SER A 511 -9.63 -51.71 21.30
C SER A 511 -9.45 -50.21 21.07
N SER A 512 -8.31 -49.68 21.53
CA SER A 512 -7.96 -48.29 21.34
C SER A 512 -7.95 -47.93 19.86
N GLN A 513 -7.43 -48.85 19.06
CA GLN A 513 -7.44 -48.70 17.61
C GLN A 513 -8.86 -48.53 17.09
N GLY A 514 -9.78 -49.34 17.62
CA GLY A 514 -11.19 -49.24 17.26
C GLY A 514 -11.77 -47.88 17.61
N THR A 515 -11.47 -47.40 18.82
CA THR A 515 -11.93 -46.09 19.25
C THR A 515 -11.44 -44.99 18.30
N ILE A 516 -10.14 -45.01 18.00
CA ILE A 516 -9.56 -44.05 17.06
C ILE A 516 -10.24 -44.11 15.70
N GLU A 517 -10.53 -45.34 15.24
CA GLU A 517 -11.26 -45.54 14.00
C GLU A 517 -12.62 -44.84 14.03
N SER A 518 -13.31 -44.99 15.16
CA SER A 518 -14.61 -44.36 15.34
C SER A 518 -14.55 -42.83 15.28
N SER A 519 -13.64 -42.25 16.06
CA SER A 519 -13.51 -40.80 16.08
C SER A 519 -13.10 -40.25 14.71
N LEU A 520 -12.17 -40.95 14.07
CA LEU A 520 -11.73 -40.60 12.72
C LEU A 520 -12.92 -40.64 11.75
N GLN A 521 -13.80 -41.61 11.94
CA GLN A 521 -15.04 -41.69 11.17
C GLN A 521 -15.88 -40.44 11.41
N ASP A 522 -16.00 -40.03 12.67
CA ASP A 522 -16.76 -38.85 13.02
C ASP A 522 -16.25 -37.60 12.30
N ILE A 523 -14.95 -37.35 12.38
CA ILE A 523 -14.40 -36.17 11.71
C ILE A 523 -14.47 -36.31 10.19
N SER A 524 -14.44 -37.54 9.71
CA SER A 524 -14.54 -37.81 8.27
C SER A 524 -15.95 -37.48 7.78
N SER A 525 -16.91 -37.55 8.68
CA SER A 525 -18.29 -37.16 8.36
C SER A 525 -18.45 -35.64 8.34
N ARG A 526 -17.65 -34.96 9.17
CA ARG A 526 -17.75 -33.51 9.28
C ARG A 526 -16.97 -32.77 8.19
N LEU A 527 -16.27 -33.53 7.35
CA LEU A 527 -15.55 -32.95 6.22
C LEU A 527 -16.17 -33.37 4.89
N SER A 528 -17.39 -33.90 4.97
CA SER A 528 -18.19 -34.22 3.80
C SER A 528 -18.82 -32.92 3.32
N PRO A 529 -19.76 -32.97 2.35
CA PRO A 529 -20.58 -31.76 2.21
C PRO A 529 -21.48 -31.57 3.43
N GLY A 530 -22.79 -31.72 3.25
CA GLY A 530 -23.79 -31.64 4.30
C GLY A 530 -23.45 -31.19 5.72
N GLY A 531 -22.36 -31.71 6.27
CA GLY A 531 -21.96 -31.44 7.63
C GLY A 531 -21.69 -29.98 7.98
N LEU A 532 -21.33 -29.74 9.24
CA LEU A 532 -21.18 -28.38 9.76
C LEU A 532 -19.94 -27.66 9.22
N LEU A 533 -18.90 -28.42 8.91
CA LEU A 533 -17.64 -27.82 8.47
C LEU A 533 -17.45 -27.83 6.95
N ALA A 534 -18.53 -27.56 6.23
CA ALA A 534 -18.45 -27.39 4.79
C ALA A 534 -18.42 -25.90 4.47
N ASP A 535 -18.05 -25.55 3.24
CA ASP A 535 -18.00 -24.16 2.83
C ASP A 535 -19.23 -23.78 2.00
N THR A 536 -20.38 -23.70 2.65
CA THR A 536 -21.62 -23.32 1.98
C THR A 536 -22.14 -21.99 2.50
N TRP A 537 -21.59 -21.55 3.63
CA TRP A 537 -21.89 -20.23 4.17
C TRP A 537 -21.23 -19.18 3.28
N ALA A 538 -20.07 -19.54 2.72
CA ALA A 538 -19.30 -18.64 1.87
C ALA A 538 -19.95 -18.44 0.51
N HIS A 539 -20.96 -19.26 0.21
CA HIS A 539 -21.69 -19.15 -1.04
C HIS A 539 -22.98 -18.37 -0.83
N GLN A 540 -23.44 -18.33 0.41
CA GLN A 540 -24.68 -17.63 0.76
C GLN A 540 -24.41 -16.26 1.35
N GLU A 541 -23.36 -16.16 2.16
CA GLU A 541 -22.99 -14.90 2.79
C GLU A 541 -22.01 -14.12 1.93
N GLY A 542 -21.98 -12.80 2.13
CA GLY A 542 -21.06 -11.94 1.41
C GLY A 542 -21.56 -11.51 0.05
N THR A 543 -20.70 -10.82 -0.69
CA THR A 543 -21.04 -10.36 -2.03
C THR A 543 -20.13 -10.99 -3.08
N HIS A 544 -20.71 -11.33 -4.22
CA HIS A 544 -20.00 -12.05 -5.27
C HIS A 544 -19.64 -11.11 -6.42
N PRO A 545 -18.68 -11.53 -7.26
CA PRO A 545 -18.35 -10.78 -8.47
C PRO A 545 -19.57 -10.59 -9.37
N ARG A 546 -20.42 -11.60 -9.43
CA ARG A 546 -21.62 -11.56 -10.27
C ARG A 546 -22.64 -10.54 -9.77
N ASP A 547 -22.49 -10.10 -8.53
CA ASP A 547 -23.39 -9.10 -7.96
C ASP A 547 -23.14 -7.72 -8.56
N ARG A 548 -21.93 -7.53 -9.08
CA ARG A 548 -21.56 -6.33 -9.84
C ARG A 548 -21.70 -5.02 -9.07
N ASN A 549 -21.66 -5.09 -7.74
CA ASN A 549 -21.82 -3.90 -6.91
C ASN A 549 -20.75 -2.84 -7.18
N VAL A 550 -19.52 -3.29 -7.37
CA VAL A 550 -18.39 -2.41 -7.66
C VAL A 550 -18.63 -1.60 -8.94
N GLU A 551 -19.10 -2.26 -9.99
CA GLU A 551 -19.37 -1.57 -11.25
C GLU A 551 -20.65 -0.73 -11.23
N LYS A 552 -21.57 -1.02 -10.31
CA LYS A 552 -22.74 -0.17 -10.11
C LYS A 552 -22.27 1.15 -9.49
N LEU A 553 -21.50 1.03 -8.41
CA LEU A 553 -20.84 2.17 -7.79
C LEU A 553 -20.02 2.92 -8.83
N GLN A 554 -19.45 2.18 -9.79
CA GLN A 554 -18.62 2.75 -10.84
C GLN A 554 -19.46 3.57 -11.82
N VAL A 555 -20.65 3.08 -12.15
CA VAL A 555 -21.57 3.83 -13.01
C VAL A 555 -21.97 5.14 -12.36
N LEU A 556 -22.46 5.05 -11.12
CA LEU A 556 -22.84 6.24 -10.38
C LEU A 556 -21.68 7.24 -10.27
N LEU A 557 -20.49 6.71 -9.97
CA LEU A 557 -19.27 7.52 -9.89
C LEU A 557 -18.95 8.18 -11.23
N ASN A 558 -19.25 7.48 -12.32
CA ASN A 558 -19.04 8.04 -13.66
C ASN A 558 -19.94 9.25 -13.88
N CYS A 559 -21.23 9.09 -13.55
CA CYS A 559 -22.16 10.21 -13.63
C CYS A 559 -21.66 11.42 -12.82
N ILE A 560 -21.36 11.16 -11.56
CA ILE A 560 -20.83 12.20 -10.66
C ILE A 560 -19.59 12.89 -11.22
N THR A 561 -18.66 12.10 -11.76
CA THR A 561 -17.41 12.62 -12.30
C THR A 561 -17.67 13.53 -13.51
N GLU A 562 -18.56 13.09 -14.39
CA GLU A 562 -18.97 13.88 -15.54
C GLU A 562 -19.50 15.24 -15.08
N ILE A 563 -20.43 15.20 -14.12
CA ILE A 563 -20.98 16.44 -13.56
C ILE A 563 -19.89 17.34 -12.98
N TYR A 564 -18.93 16.74 -12.28
CA TYR A 564 -17.84 17.50 -11.68
C TYR A 564 -16.97 18.21 -12.72
N TYR A 565 -16.54 17.47 -13.74
CA TYR A 565 -15.79 18.07 -14.84
C TYR A 565 -16.57 19.23 -15.44
N GLN A 566 -17.87 19.01 -15.62
CA GLN A 566 -18.74 20.05 -16.14
C GLN A 566 -18.75 21.30 -15.26
N PHE A 567 -18.73 21.10 -13.94
CA PHE A 567 -18.72 22.22 -13.00
C PHE A 567 -17.38 22.95 -12.99
N LYS A 568 -16.31 22.21 -13.27
CA LYS A 568 -14.99 22.81 -13.41
C LYS A 568 -15.03 23.76 -14.61
N LYS A 569 -15.52 23.23 -15.73
CA LYS A 569 -15.66 24.01 -16.95
C LYS A 569 -16.53 25.25 -16.75
N ASP A 570 -17.64 25.08 -16.03
CA ASP A 570 -18.54 26.19 -15.74
C ASP A 570 -17.88 27.24 -14.86
N LYS A 571 -17.09 26.78 -13.89
CA LYS A 571 -16.37 27.68 -13.00
C LYS A 571 -15.41 28.55 -13.81
N ALA A 572 -14.68 27.91 -14.72
CA ALA A 572 -13.72 28.63 -15.55
C ALA A 572 -14.39 29.71 -16.41
N GLU A 573 -15.67 29.50 -16.72
CA GLU A 573 -16.42 30.44 -17.56
C GLU A 573 -16.94 31.62 -16.73
N ARG A 574 -16.67 31.56 -15.43
CA ARG A 574 -17.00 32.64 -14.49
C ARG A 574 -18.50 32.88 -14.26
N ARG A 575 -19.27 33.01 -15.33
CA ARG A 575 -20.73 33.03 -15.21
C ARG A 575 -21.42 32.49 -16.46
N LEU A 576 -22.68 32.08 -16.29
CA LEU A 576 -23.38 31.29 -17.31
C LEU A 576 -24.54 32.02 -17.99
N ALA A 577 -25.02 31.44 -19.08
CA ALA A 577 -26.24 31.88 -19.71
C ALA A 577 -27.42 31.35 -18.91
N TYR A 578 -28.61 31.82 -19.23
CA TYR A 578 -29.83 31.44 -18.53
C TYR A 578 -30.00 29.91 -18.49
N ASN A 579 -30.15 29.32 -19.67
CA ASN A 579 -30.31 27.89 -19.80
C ASN A 579 -29.16 27.09 -19.19
N GLU A 580 -27.93 27.53 -19.45
CA GLU A 580 -26.76 26.89 -18.87
C GLU A 580 -26.82 26.88 -17.34
N GLU A 581 -27.31 27.97 -16.77
CA GLU A 581 -27.47 28.09 -15.33
C GLU A 581 -28.50 27.10 -14.80
N GLN A 582 -29.66 27.04 -15.45
CA GLN A 582 -30.71 26.13 -15.03
C GLN A 582 -30.24 24.67 -15.11
N ILE A 583 -29.53 24.35 -16.20
CA ILE A 583 -28.92 23.04 -16.37
C ILE A 583 -27.93 22.76 -15.24
N HIS A 584 -27.14 23.77 -14.86
CA HIS A 584 -26.19 23.65 -13.77
C HIS A 584 -26.89 23.23 -12.48
N LYS A 585 -28.00 23.91 -12.17
CA LYS A 585 -28.78 23.58 -10.97
C LYS A 585 -29.34 22.15 -11.01
N PHE A 586 -30.01 21.83 -12.12
CA PHE A 586 -30.56 20.49 -12.34
C PHE A 586 -29.51 19.40 -12.10
N ASP A 587 -28.34 19.59 -12.72
CA ASP A 587 -27.23 18.65 -12.60
C ASP A 587 -26.66 18.61 -11.19
N LYS A 588 -26.78 19.71 -10.47
CA LYS A 588 -26.33 19.75 -9.08
C LYS A 588 -27.18 18.82 -8.22
N GLN A 589 -28.50 18.99 -8.28
CA GLN A 589 -29.39 18.11 -7.50
C GLN A 589 -29.28 16.65 -7.97
N LYS A 590 -29.09 16.47 -9.27
CA LYS A 590 -28.87 15.15 -9.84
C LYS A 590 -27.63 14.52 -9.21
N LEU A 591 -26.60 15.34 -9.02
CA LEU A 591 -25.37 14.90 -8.38
C LEU A 591 -25.64 14.47 -6.95
N TYR A 592 -26.47 15.24 -6.25
CA TYR A 592 -26.89 14.86 -4.91
C TYR A 592 -27.50 13.46 -4.91
N TYR A 593 -28.47 13.24 -5.78
CA TYR A 593 -29.14 11.94 -5.86
C TYR A 593 -28.20 10.79 -6.20
N HIS A 594 -27.29 11.02 -7.15
CA HIS A 594 -26.31 10.00 -7.52
C HIS A 594 -25.42 9.62 -6.35
N ALA A 595 -24.82 10.63 -5.72
CA ALA A 595 -23.94 10.39 -4.58
C ALA A 595 -24.65 9.68 -3.43
N THR A 596 -25.85 10.17 -3.09
CA THR A 596 -26.65 9.59 -2.03
C THR A 596 -26.97 8.12 -2.31
N LYS A 597 -27.39 7.83 -3.54
CA LYS A 597 -27.70 6.46 -3.94
C LYS A 597 -26.46 5.56 -3.84
N ALA A 598 -25.32 6.09 -4.29
CA ALA A 598 -24.06 5.36 -4.26
C ALA A 598 -23.67 4.99 -2.83
N MET A 599 -23.70 5.97 -1.94
CA MET A 599 -23.35 5.74 -0.54
C MET A 599 -24.34 4.76 0.12
N SER A 600 -25.61 4.92 -0.19
CA SER A 600 -26.65 4.02 0.30
C SER A 600 -26.38 2.58 -0.11
N HIS A 601 -26.00 2.38 -1.38
CA HIS A 601 -25.70 1.05 -1.87
C HIS A 601 -24.41 0.51 -1.26
N PHE A 602 -23.49 1.41 -0.94
CA PHE A 602 -22.23 1.02 -0.32
C PHE A 602 -22.47 0.50 1.10
N SER A 603 -23.36 1.16 1.83
CA SER A 603 -23.66 0.76 3.20
C SER A 603 -24.58 -0.45 3.30
N GLU A 604 -25.72 -0.39 2.61
CA GLU A 604 -26.75 -1.41 2.75
C GLU A 604 -26.40 -2.72 2.03
N GLU A 605 -25.51 -2.67 1.04
CA GLU A 605 -25.24 -3.84 0.21
C GLU A 605 -23.79 -4.34 0.30
N CYS A 606 -22.84 -3.41 0.35
CA CYS A 606 -21.42 -3.79 0.32
C CYS A 606 -20.80 -4.06 1.70
N VAL A 607 -21.17 -3.25 2.69
CA VAL A 607 -20.57 -3.36 4.02
C VAL A 607 -21.30 -4.39 4.90
N ARG A 608 -22.63 -4.34 4.87
CA ARG A 608 -23.46 -5.24 5.65
C ARG A 608 -23.13 -6.70 5.42
N LYS A 609 -23.26 -7.12 4.16
CA LYS A 609 -22.99 -8.49 3.76
C LYS A 609 -21.53 -8.87 4.00
N TYR A 610 -20.65 -7.88 3.85
CA TYR A 610 -19.23 -8.08 4.16
C TYR A 610 -19.05 -8.50 5.60
N GLU A 611 -19.65 -7.76 6.53
CA GLU A 611 -19.53 -8.08 7.93
C GLU A 611 -20.26 -9.37 8.32
N ALA A 612 -21.33 -9.70 7.61
CA ALA A 612 -22.01 -10.97 7.81
C ALA A 612 -21.07 -12.14 7.47
N PHE A 613 -20.55 -12.10 6.24
CA PHE A 613 -19.56 -13.07 5.76
C PHE A 613 -18.41 -13.18 6.74
N LYS A 614 -17.94 -12.02 7.20
CA LYS A 614 -16.84 -11.91 8.15
C LYS A 614 -17.11 -12.69 9.44
N ASP A 615 -18.24 -12.38 10.06
CA ASP A 615 -18.61 -13.02 11.32
C ASP A 615 -18.78 -14.54 11.18
N LYS A 616 -19.48 -14.96 10.13
CA LYS A 616 -19.66 -16.39 9.89
C LYS A 616 -18.30 -17.07 9.62
N SER A 617 -17.37 -16.31 9.06
CA SER A 617 -16.02 -16.81 8.82
C SER A 617 -15.28 -17.02 10.13
N GLU A 618 -15.49 -16.12 11.08
CA GLU A 618 -14.89 -16.30 12.41
C GLU A 618 -15.47 -17.55 13.08
N GLU A 619 -16.79 -17.63 13.09
CA GLU A 619 -17.50 -18.75 13.71
C GLU A 619 -17.17 -20.09 13.05
N TRP A 620 -16.76 -20.03 11.78
CA TRP A 620 -16.32 -21.23 11.07
C TRP A 620 -14.87 -21.56 11.43
N MET A 621 -14.07 -20.50 11.61
CA MET A 621 -12.65 -20.65 11.92
C MET A 621 -12.47 -21.34 13.27
N ARG A 622 -13.30 -20.98 14.24
CA ARG A 622 -13.24 -21.65 15.54
C ARG A 622 -13.44 -23.16 15.43
N LYS A 623 -14.55 -23.55 14.80
CA LYS A 623 -14.88 -24.97 14.61
C LYS A 623 -13.77 -25.70 13.87
N MET A 624 -13.28 -25.09 12.79
CA MET A 624 -12.23 -25.70 11.99
C MET A 624 -10.96 -25.95 12.80
N LEU A 625 -10.52 -24.94 13.53
CA LEU A 625 -9.32 -25.06 14.35
C LEU A 625 -9.50 -26.14 15.42
N HIS A 626 -10.69 -26.16 16.03
CA HIS A 626 -11.04 -27.18 17.02
C HIS A 626 -10.88 -28.59 16.45
N LEU A 627 -11.56 -28.85 15.33
CA LEU A 627 -11.50 -30.15 14.67
C LEU A 627 -10.06 -30.51 14.28
N ARG A 628 -9.30 -29.50 13.86
CA ARG A 628 -7.89 -29.67 13.55
C ARG A 628 -7.12 -30.21 14.75
N LYS A 629 -7.34 -29.60 15.91
CA LYS A 629 -6.69 -30.05 17.14
C LYS A 629 -7.09 -31.49 17.50
N GLN A 630 -8.37 -31.80 17.32
CA GLN A 630 -8.84 -33.18 17.54
C GLN A 630 -8.07 -34.16 16.66
N LEU A 631 -8.02 -33.85 15.35
CA LEU A 631 -7.32 -34.66 14.37
C LEU A 631 -5.87 -34.90 14.78
N LEU A 632 -5.19 -33.83 15.16
CA LEU A 632 -3.80 -33.92 15.61
C LEU A 632 -3.67 -34.86 16.80
N SER A 633 -4.56 -34.70 17.78
CA SER A 633 -4.55 -35.56 18.96
C SER A 633 -4.65 -37.03 18.58
N LEU A 634 -5.61 -37.33 17.70
CA LEU A 634 -5.81 -38.71 17.24
C LEU A 634 -4.56 -39.24 16.52
N THR A 635 -3.93 -38.40 15.71
CA THR A 635 -2.69 -38.77 15.03
C THR A 635 -1.59 -39.13 16.02
N ASN A 636 -1.41 -38.27 17.02
CA ASN A 636 -0.44 -38.55 18.08
C ASN A 636 -0.73 -39.87 18.78
N GLN A 637 -2.01 -40.14 18.98
CA GLN A 637 -2.44 -41.42 19.56
C GLN A 637 -1.98 -42.60 18.69
N CYS A 638 -2.25 -42.49 17.39
CA CYS A 638 -1.83 -43.53 16.44
C CYS A 638 -0.31 -43.75 16.48
N PHE A 639 0.44 -42.66 16.57
CA PHE A 639 1.89 -42.74 16.68
C PHE A 639 2.31 -43.47 17.95
N ASP A 640 1.63 -43.18 19.06
CA ASP A 640 1.92 -43.86 20.33
C ASP A 640 1.64 -45.35 20.22
N ILE A 641 0.55 -45.72 19.55
CA ILE A 641 0.22 -47.12 19.32
C ILE A 641 1.31 -47.80 18.49
N GLU A 642 1.74 -47.16 17.41
CA GLU A 642 2.81 -47.70 16.58
C GLU A 642 4.09 -47.92 17.40
N GLU A 643 4.38 -46.95 18.27
CA GLU A 643 5.54 -47.06 19.14
C GLU A 643 5.42 -48.25 20.08
N GLU A 644 4.21 -48.49 20.57
CA GLU A 644 3.96 -49.59 21.50
C GLU A 644 4.05 -50.97 20.84
N VAL A 645 3.45 -51.10 19.66
CA VAL A 645 3.38 -52.37 18.95
C VAL A 645 4.76 -52.80 18.42
N SER A 646 5.64 -51.83 18.18
CA SER A 646 6.96 -52.11 17.64
C SER A 646 7.83 -52.91 18.62
N LYS A 647 7.34 -53.09 19.84
CA LYS A 647 8.03 -53.88 20.85
C LYS A 647 7.83 -55.37 20.61
N TYR A 648 6.57 -55.76 20.44
CA TYR A 648 6.19 -57.17 20.41
C TYR A 648 6.47 -57.86 19.07
N GLN A 649 7.21 -57.20 18.18
CA GLN A 649 7.58 -57.83 16.92
C GLN A 649 8.65 -58.89 17.14
N ASP A 650 9.59 -58.59 18.03
CA ASP A 650 10.60 -59.55 18.45
C ASP A 650 10.63 -59.60 19.98
N TYR A 651 10.30 -60.75 20.55
CA TYR A 651 10.38 -60.93 21.99
C TYR A 651 11.24 -62.14 22.36
N THR A 652 11.69 -62.17 23.61
CA THR A 652 12.57 -63.22 24.08
C THR A 652 11.83 -64.49 24.45
N ASN A 653 12.32 -65.61 23.92
CA ASN A 653 11.83 -66.92 24.31
C ASN A 653 12.78 -67.49 25.36
N GLU A 654 12.33 -68.52 26.08
CA GLU A 654 13.17 -69.14 27.10
C GLU A 654 14.36 -69.86 26.49
N LEU A 655 15.47 -69.88 27.24
CA LEU A 655 16.67 -70.58 26.80
C LEU A 655 16.44 -72.09 26.87
N GLN A 656 16.84 -72.80 25.83
CA GLN A 656 16.63 -74.24 25.77
C GLN A 656 17.94 -75.02 25.88
N GLU A 657 17.86 -76.27 26.30
CA GLU A 657 19.03 -77.13 26.42
C GLU A 657 19.54 -77.56 25.06
I01 BX7 B . 9.36 22.95 -17.56
S02 BX7 B . 9.16 28.24 -13.66
O03 BX7 B . 1.12 20.77 -14.07
O04 BX7 B . 8.72 25.07 -13.98
N05 BX7 B . 0.99 22.87 -13.08
N06 BX7 B . 1.07 22.53 -15.57
N07 BX7 B . 6.28 23.96 -16.87
N08 BX7 B . 3.81 20.44 -19.15
N09 BX7 B . 6.38 25.02 -13.77
N10 BX7 B . 5.12 22.18 -18.03
N11 BX7 B . 6.20 20.45 -19.17
C12 BX7 B . 1.11 23.70 -10.87
C13 BX7 B . 1.58 24.73 -11.84
C14 BX7 B . 0.91 24.29 -13.12
C15 BX7 B . 0.97 22.46 -11.69
C16 BX7 B . 1.07 21.97 -14.23
C17 BX7 B . 1.15 21.65 -16.74
C18 BX7 B . 2.40 21.47 -17.36
C19 BX7 B . 5.19 23.21 -14.84
C20 BX7 B . 0.03 20.99 -17.23
C21 BX7 B . 5.19 24.24 -15.98
C22 BX7 B . 2.53 20.64 -18.49
C23 BX7 B . 6.30 23.55 -13.86
C24 BX7 B . 0.15 20.16 -18.34
C25 BX7 B . 1.40 19.98 -18.96
C26 BX7 B . 6.28 22.74 -17.67
C27 BX7 B . 5.08 21.05 -18.76
C28 BX7 B . 7.49 22.13 -18.08
C29 BX7 B . 7.69 25.71 -13.84
C30 BX7 B . 7.41 20.96 -18.85
C31 BX7 B . 7.72 27.24 -13.74
C32 BX7 B . 6.58 28.07 -13.72
C33 BX7 B . 6.88 29.40 -13.64
C34 BX7 B . 8.22 29.69 -13.59
#